data_7M3S
#
_entry.id   7M3S
#
_cell.length_a   183.518
_cell.length_b   58.598
_cell.length_c   67.098
_cell.angle_alpha   90.000
_cell.angle_beta   95.180
_cell.angle_gamma   90.000
#
_symmetry.space_group_name_H-M   'C 1 2 1'
#
loop_
_entity.id
_entity.type
_entity.pdbx_description
1 polymer 'Tryptophan synthase alpha chain'
2 polymer 'Tryptophan synthase beta chain'
3 non-polymer '2-{[4-(TRIFLUOROMETHOXY)BENZOYL]AMINO}ETHYL DIHYDROGEN PHOSPHATE'
4 non-polymer 1,2-ETHANEDIOL
5 non-polymer 'CHLORIDE ION'
6 non-polymer "PYRIDOXAL-5'-PHOSPHATE"
7 non-polymer DI(HYDROXYETHYL)ETHER
8 non-polymer 'DIMETHYL SULFOXIDE'
9 non-polymer 'SODIUM ION'
10 water water
#
loop_
_entity_poly.entity_id
_entity_poly.type
_entity_poly.pdbx_seq_one_letter_code
_entity_poly.pdbx_strand_id
1 'polypeptide(L)'
;MERYENLFAQLNDRREGAFVPFVTLGDPGIEQSLKIIDTLIDAGADALELGVPFSDPLADGPTIQNANLRAFAAGVTPAQ
CFEMLALIREKHPTIPIGLLMYANLVFNNGIDAFYARCEQVGVDSVLVADVPVEESAPFRQAALRHNIAPIFICPPNADD
DLLRQVASYGRGYTYLLSRSGVTGAENRGALPLHHLIEKLKEYHAAPALQGFGISSPEQVSAAVRAGAAGAISGSAIVKI
IEKNLASPKQMLAELRSFVSAMKAASRA
;
A
2 'polypeptide(L)'
;MTTLLNPYFGEFGGMYVPQILMPALNQLEEAFVSAQKDPEFQAQFADLLKNYAGRPTALTKCQNITAGTRTTLYLKREDL
LHGGAHKTNQVLGQALLAKRMGKSEIIAETGAGQHGVASALASALLGLKCRIYMGAKDVERQSPNVFRMRLMGAEVIPVH
SGSATLKDACNEALRDWSGSYETAHYMLGTAAGPHPYPTIVREFQRMIGEETKAQILDKEGRLPDAVIACVGGGSNAIGM
FADFINDTSVGLIGVEPGGHGIETGEHGAPLKHGRVGIYFGMKAPMMQTADGQIEESYSISAGLDFPSVGPQHAYLNSIG
RADYVSITDDEALEAFKTLCRHEGIIPALESSHALAHALKMMREQPEKEQLLVVNLSGRGDKDIFTVHDILKARGEI
;
B
#
loop_
_chem_comp.id
_chem_comp.type
_chem_comp.name
_chem_comp.formula
CL non-polymer 'CHLORIDE ION' 'Cl -1'
DMS non-polymer 'DIMETHYL SULFOXIDE' 'C2 H6 O S'
EDO non-polymer 1,2-ETHANEDIOL 'C2 H6 O2'
F6F non-polymer '2-{[4-(TRIFLUOROMETHOXY)BENZOYL]AMINO}ETHYL DIHYDROGEN PHOSPHATE' 'C10 H11 F3 N O6 P'
NA non-polymer 'SODIUM ION' 'Na 1'
PEG non-polymer DI(HYDROXYETHYL)ETHER 'C4 H10 O3'
PLP non-polymer PYRIDOXAL-5'-PHOSPHATE 'C8 H10 N O6 P'
#
# COMPACT_ATOMS: atom_id res chain seq x y z
N MET A 1 -17.30 15.00 -27.91
CA MET A 1 -18.51 14.50 -27.26
C MET A 1 -18.70 15.11 -25.88
N GLU A 2 -19.96 15.38 -25.55
CA GLU A 2 -20.35 16.08 -24.32
C GLU A 2 -21.51 15.34 -23.66
N ARG A 3 -21.36 14.03 -23.46
CA ARG A 3 -22.51 13.21 -23.04
C ARG A 3 -23.03 13.60 -21.66
N TYR A 4 -22.15 13.87 -20.69
CA TYR A 4 -22.65 14.29 -19.37
C TYR A 4 -23.41 15.60 -19.46
N GLU A 5 -22.86 16.57 -20.21
CA GLU A 5 -23.53 17.86 -20.34
C GLU A 5 -24.88 17.70 -21.02
N ASN A 6 -24.94 16.91 -22.09
CA ASN A 6 -26.23 16.65 -22.75
C ASN A 6 -27.20 15.94 -21.80
N LEU A 7 -26.73 14.96 -21.04
CA LEU A 7 -27.61 14.25 -20.12
C LEU A 7 -28.15 15.18 -19.04
N PHE A 8 -27.27 16.01 -18.46
CA PHE A 8 -27.73 16.85 -17.36
C PHE A 8 -28.69 17.92 -17.83
N ALA A 9 -28.44 18.50 -19.02
CA ALA A 9 -29.38 19.47 -19.56
C ALA A 9 -30.74 18.83 -19.81
N GLN A 10 -30.75 17.61 -20.37
CA GLN A 10 -32.02 16.92 -20.62
C GLN A 10 -32.72 16.57 -19.32
N LEU A 11 -31.97 16.14 -18.31
CA LEU A 11 -32.55 15.85 -17.01
C LEU A 11 -33.09 17.12 -16.36
N ASN A 12 -32.35 18.23 -16.46
CA ASN A 12 -32.82 19.49 -15.92
C ASN A 12 -34.09 19.95 -16.65
N ASP A 13 -34.16 19.70 -17.95
CA ASP A 13 -35.37 20.05 -18.70
C ASP A 13 -36.58 19.22 -18.26
N ARG A 14 -36.35 18.02 -17.70
CA ARG A 14 -37.42 17.19 -17.19
C ARG A 14 -37.57 17.26 -15.66
N ARG A 15 -36.86 18.17 -15.01
CA ARG A 15 -36.88 18.29 -13.54
C ARG A 15 -36.67 16.93 -12.90
N GLU A 16 -35.55 16.30 -13.27
CA GLU A 16 -35.29 14.90 -13.00
C GLU A 16 -33.86 14.74 -12.53
N GLY A 17 -33.64 13.81 -11.60
CA GLY A 17 -32.30 13.47 -11.21
C GLY A 17 -31.77 12.29 -11.99
N ALA A 18 -30.44 12.15 -11.99
CA ALA A 18 -29.82 11.00 -12.64
C ALA A 18 -29.78 9.83 -11.68
N PHE A 19 -30.04 8.63 -12.20
CA PHE A 19 -29.70 7.41 -11.47
C PHE A 19 -28.63 6.63 -12.22
N VAL A 20 -27.55 6.31 -11.51
CA VAL A 20 -26.33 5.79 -12.11
C VAL A 20 -25.89 4.54 -11.37
N PRO A 21 -26.11 3.35 -11.89
CA PRO A 21 -25.62 2.15 -11.23
C PRO A 21 -24.14 1.92 -11.47
N PHE A 22 -23.51 1.23 -10.51
CA PHE A 22 -22.16 0.72 -10.65
C PHE A 22 -22.18 -0.79 -10.68
N VAL A 23 -21.39 -1.38 -11.60
CA VAL A 23 -21.10 -2.81 -11.60
C VAL A 23 -19.64 -3.00 -12.00
N THR A 24 -19.15 -4.20 -11.73
CA THR A 24 -17.82 -4.60 -12.14
C THR A 24 -17.90 -5.29 -13.50
N LEU A 25 -17.10 -4.80 -14.45
CA LEU A 25 -17.03 -5.42 -15.77
C LEU A 25 -16.59 -6.87 -15.67
N GLY A 26 -17.36 -7.75 -16.29
CA GLY A 26 -17.05 -9.16 -16.30
C GLY A 26 -17.51 -9.94 -15.09
N ASP A 27 -18.22 -9.30 -14.15
CA ASP A 27 -18.83 -10.01 -13.03
C ASP A 27 -20.24 -10.42 -13.43
N PRO A 28 -20.58 -11.72 -13.41
CA PRO A 28 -19.77 -12.89 -13.05
C PRO A 28 -19.03 -13.52 -14.22
N GLY A 29 -19.29 -13.01 -15.42
CA GLY A 29 -18.64 -13.46 -16.64
C GLY A 29 -18.85 -12.38 -17.69
N ILE A 30 -18.10 -12.48 -18.78
CA ILE A 30 -18.17 -11.44 -19.81
C ILE A 30 -19.56 -11.38 -20.42
N GLU A 31 -20.06 -12.52 -20.89
CA GLU A 31 -21.35 -12.52 -21.59
C GLU A 31 -22.49 -12.13 -20.66
N GLN A 32 -22.43 -12.54 -19.40
CA GLN A 32 -23.57 -12.24 -18.55
C GLN A 32 -23.47 -10.82 -17.98
N SER A 33 -22.25 -10.28 -17.88
CA SER A 33 -22.08 -8.87 -17.53
C SER A 33 -22.63 -7.96 -18.63
N LEU A 34 -22.37 -8.30 -19.89
CA LEU A 34 -22.94 -7.53 -20.98
C LEU A 34 -24.47 -7.53 -20.89
N LYS A 35 -25.06 -8.68 -20.55
CA LYS A 35 -26.50 -8.75 -20.35
C LYS A 35 -26.94 -7.92 -19.14
N ILE A 36 -26.17 -7.99 -18.04
CA ILE A 36 -26.49 -7.18 -16.86
C ILE A 36 -26.55 -5.71 -17.24
N ILE A 37 -25.53 -5.25 -17.97
CA ILE A 37 -25.43 -3.83 -18.29
C ILE A 37 -26.57 -3.40 -19.20
N ASP A 38 -26.92 -4.23 -20.19
CA ASP A 38 -28.04 -3.89 -21.05
C ASP A 38 -29.35 -3.83 -20.28
N THR A 39 -29.50 -4.66 -19.25
CA THR A 39 -30.72 -4.63 -18.44
C THR A 39 -30.79 -3.38 -17.57
N LEU A 40 -29.65 -2.95 -17.00
CA LEU A 40 -29.66 -1.73 -16.21
C LEU A 40 -30.06 -0.53 -17.06
N ILE A 41 -29.54 -0.47 -18.29
CA ILE A 41 -29.92 0.60 -19.21
C ILE A 41 -31.40 0.49 -19.56
N ASP A 42 -31.85 -0.73 -19.88
CA ASP A 42 -33.23 -0.92 -20.32
C ASP A 42 -34.21 -0.55 -19.20
N ALA A 43 -33.78 -0.70 -17.94
CA ALA A 43 -34.62 -0.36 -16.79
C ALA A 43 -34.58 1.13 -16.44
N GLY A 44 -33.72 1.93 -17.06
CA GLY A 44 -33.74 3.36 -16.83
C GLY A 44 -32.48 4.00 -16.29
N ALA A 45 -31.37 3.27 -16.27
CA ALA A 45 -30.11 3.87 -15.86
C ALA A 45 -29.79 5.07 -16.73
N ASP A 46 -29.47 6.21 -16.08
CA ASP A 46 -29.15 7.43 -16.82
C ASP A 46 -27.71 7.42 -17.31
N ALA A 47 -26.81 6.90 -16.50
CA ALA A 47 -25.39 6.77 -16.83
C ALA A 47 -24.88 5.50 -16.17
N LEU A 48 -23.67 5.11 -16.55
CA LEU A 48 -23.02 3.93 -16.01
C LEU A 48 -21.70 4.29 -15.33
N GLU A 49 -21.43 3.68 -14.19
CA GLU A 49 -20.08 3.64 -13.63
C GLU A 49 -19.63 2.19 -13.61
N LEU A 50 -18.47 1.91 -14.21
CA LEU A 50 -18.03 0.55 -14.47
C LEU A 50 -16.64 0.34 -13.91
N GLY A 51 -16.46 -0.72 -13.13
CA GLY A 51 -15.18 -1.02 -12.51
C GLY A 51 -14.40 -2.02 -13.35
N VAL A 52 -13.09 -1.85 -13.41
CA VAL A 52 -12.22 -2.81 -14.08
C VAL A 52 -11.58 -3.68 -13.00
N PRO A 53 -11.70 -5.01 -13.07
CA PRO A 53 -11.20 -5.85 -11.97
C PRO A 53 -9.73 -5.58 -11.67
N PHE A 54 -9.44 -5.40 -10.38
CA PHE A 54 -8.10 -5.10 -9.89
C PHE A 54 -7.79 -5.98 -8.69
N SER A 55 -6.51 -6.35 -8.57
CA SER A 55 -6.12 -7.33 -7.55
C SER A 55 -6.32 -6.81 -6.14
N ASP A 56 -6.27 -5.49 -5.94
CA ASP A 56 -6.21 -4.92 -4.60
C ASP A 56 -7.10 -3.70 -4.50
N PRO A 57 -8.42 -3.88 -4.52
CA PRO A 57 -9.35 -2.74 -4.53
C PRO A 57 -9.54 -2.16 -3.13
N LEU A 58 -8.61 -1.28 -2.73
CA LEU A 58 -8.50 -0.85 -1.34
C LEU A 58 -9.51 0.22 -0.94
N ALA A 59 -10.34 0.71 -1.88
CA ALA A 59 -11.42 1.63 -1.56
C ALA A 59 -12.79 0.95 -1.53
N ASP A 60 -12.83 -0.38 -1.56
CA ASP A 60 -14.06 -1.12 -1.74
C ASP A 60 -14.30 -2.06 -0.57
N GLY A 61 -15.55 -2.07 -0.09
CA GLY A 61 -15.94 -3.01 0.92
C GLY A 61 -16.18 -4.40 0.35
N PRO A 62 -16.64 -5.31 1.21
CA PRO A 62 -16.69 -6.73 0.81
C PRO A 62 -17.53 -7.00 -0.42
N THR A 63 -18.64 -6.29 -0.61
CA THR A 63 -19.51 -6.58 -1.75
C THR A 63 -18.77 -6.43 -3.07
N ILE A 64 -18.08 -5.31 -3.27
CA ILE A 64 -17.41 -5.13 -4.55
C ILE A 64 -16.06 -5.85 -4.56
N GLN A 65 -15.43 -6.06 -3.39
CA GLN A 65 -14.30 -6.98 -3.33
C GLN A 65 -14.65 -8.31 -3.98
N ASN A 66 -15.84 -8.84 -3.66
CA ASN A 66 -16.23 -10.15 -4.15
C ASN A 66 -16.54 -10.12 -5.64
N ALA A 67 -17.06 -9.00 -6.14
CA ALA A 67 -17.30 -8.86 -7.57
C ALA A 67 -16.00 -8.94 -8.36
N ASN A 68 -14.94 -8.30 -7.88
CA ASN A 68 -13.65 -8.42 -8.55
C ASN A 68 -13.18 -9.88 -8.60
N LEU A 69 -13.33 -10.60 -7.48
CA LEU A 69 -12.88 -11.99 -7.45
C LEU A 69 -13.70 -12.85 -8.40
N ARG A 70 -15.01 -12.59 -8.47
CA ARG A 70 -15.83 -13.30 -9.46
C ARG A 70 -15.36 -13.01 -10.88
N ALA A 71 -15.06 -11.75 -11.18
CA ALA A 71 -14.55 -11.42 -12.50
C ALA A 71 -13.21 -12.11 -12.77
N PHE A 72 -12.31 -12.10 -11.77
CA PHE A 72 -11.02 -12.76 -11.96
C PHE A 72 -11.19 -14.27 -12.15
N ALA A 73 -12.17 -14.86 -11.44
CA ALA A 73 -12.45 -16.28 -11.63
C ALA A 73 -12.86 -16.58 -13.06
N ALA A 74 -13.41 -15.60 -13.76
CA ALA A 74 -13.80 -15.78 -15.15
C ALA A 74 -12.67 -15.41 -16.12
N GLY A 75 -11.51 -15.03 -15.61
CA GLY A 75 -10.40 -14.65 -16.46
C GLY A 75 -10.48 -13.27 -17.07
N VAL A 76 -11.29 -12.37 -16.50
CA VAL A 76 -11.48 -11.05 -17.07
C VAL A 76 -10.19 -10.24 -16.92
N THR A 77 -9.75 -9.62 -18.02
CA THR A 77 -8.55 -8.79 -18.02
C THR A 77 -8.92 -7.36 -18.40
N PRO A 78 -8.06 -6.37 -18.11
CA PRO A 78 -8.36 -5.02 -18.61
C PRO A 78 -8.56 -4.98 -20.12
N ALA A 79 -7.79 -5.76 -20.89
CA ALA A 79 -7.98 -5.75 -22.34
C ALA A 79 -9.39 -6.21 -22.71
N GLN A 80 -9.87 -7.28 -22.08
CA GLN A 80 -11.23 -7.73 -22.30
C GLN A 80 -12.24 -6.68 -21.84
N CYS A 81 -11.92 -5.96 -20.78
CA CYS A 81 -12.82 -4.89 -20.32
C CYS A 81 -12.97 -3.81 -21.38
N PHE A 82 -11.87 -3.44 -22.04
CA PHE A 82 -11.97 -2.41 -23.07
C PHE A 82 -12.71 -2.91 -24.30
N GLU A 83 -12.60 -4.21 -24.61
CA GLU A 83 -13.44 -4.77 -25.66
C GLU A 83 -14.90 -4.69 -25.29
N MET A 84 -15.24 -4.96 -24.02
CA MET A 84 -16.64 -4.82 -23.63
C MET A 84 -17.09 -3.37 -23.77
N LEU A 85 -16.26 -2.45 -23.30
CA LEU A 85 -16.63 -1.05 -23.32
C LEU A 85 -16.98 -0.60 -24.73
N ALA A 86 -16.18 -1.02 -25.71
CA ALA A 86 -16.43 -0.64 -27.09
C ALA A 86 -17.79 -1.17 -27.56
N LEU A 87 -18.12 -2.41 -27.21
CA LEU A 87 -19.41 -2.98 -27.62
C LEU A 87 -20.57 -2.26 -26.93
N ILE A 88 -20.42 -1.96 -25.64
CA ILE A 88 -21.46 -1.23 -24.91
C ILE A 88 -21.73 0.13 -25.56
N ARG A 89 -20.66 0.87 -25.90
CA ARG A 89 -20.87 2.17 -26.52
C ARG A 89 -21.51 2.03 -27.90
N GLU A 90 -21.13 0.99 -28.64
CA GLU A 90 -21.71 0.76 -29.97
C GLU A 90 -23.21 0.47 -29.87
N LYS A 91 -23.65 -0.12 -28.78
CA LYS A 91 -25.06 -0.42 -28.58
C LYS A 91 -25.84 0.81 -28.11
N HIS A 92 -25.18 1.68 -27.36
CA HIS A 92 -25.83 2.75 -26.60
C HIS A 92 -25.08 4.05 -26.84
N PRO A 93 -25.44 4.82 -27.87
CA PRO A 93 -24.59 5.94 -28.28
C PRO A 93 -24.59 7.12 -27.33
N THR A 94 -25.63 7.33 -26.51
CA THR A 94 -25.71 8.56 -25.76
C THR A 94 -25.48 8.42 -24.26
N ILE A 95 -25.58 7.22 -23.70
CA ILE A 95 -25.46 7.10 -22.24
C ILE A 95 -24.04 7.41 -21.82
N PRO A 96 -23.83 8.26 -20.81
CA PRO A 96 -22.47 8.48 -20.32
C PRO A 96 -21.93 7.24 -19.64
N ILE A 97 -20.66 6.92 -19.94
CA ILE A 97 -19.98 5.76 -19.38
C ILE A 97 -18.77 6.27 -18.61
N GLY A 98 -18.74 5.97 -17.32
CA GLY A 98 -17.60 6.32 -16.47
C GLY A 98 -16.93 5.07 -15.94
N LEU A 99 -15.59 5.10 -15.90
CA LEU A 99 -14.84 4.00 -15.31
C LEU A 99 -14.43 4.36 -13.89
N LEU A 100 -14.41 3.34 -13.02
CA LEU A 100 -13.80 3.40 -11.71
C LEU A 100 -12.53 2.57 -11.77
N MET A 101 -11.38 3.24 -11.70
CA MET A 101 -10.06 2.65 -11.88
C MET A 101 -9.23 2.77 -10.61
N TYR A 102 -8.33 1.82 -10.43
CA TYR A 102 -7.23 1.99 -9.51
C TYR A 102 -6.00 2.45 -10.29
N ALA A 103 -5.14 3.19 -9.60
CA ALA A 103 -4.09 3.93 -10.29
C ALA A 103 -3.15 3.01 -11.08
N ASN A 104 -2.82 1.84 -10.54
CA ASN A 104 -1.81 1.06 -11.23
C ASN A 104 -2.29 0.62 -12.61
N LEU A 105 -3.61 0.38 -12.77
CA LEU A 105 -4.11 -0.03 -14.07
C LEU A 105 -4.06 1.10 -15.09
N VAL A 106 -4.14 2.34 -14.60
CA VAL A 106 -4.03 3.51 -15.49
C VAL A 106 -2.57 3.80 -15.82
N PHE A 107 -1.71 3.69 -14.81
CA PHE A 107 -0.30 4.01 -14.96
C PHE A 107 0.46 2.92 -15.71
N ASN A 108 -0.02 1.68 -15.62
CA ASN A 108 0.70 0.48 -16.04
C ASN A 108 1.38 0.60 -17.38
N ASN A 109 0.60 0.77 -18.45
CA ASN A 109 1.17 0.85 -19.78
C ASN A 109 1.27 2.28 -20.26
N GLY A 110 1.34 3.25 -19.34
CA GLY A 110 1.39 4.65 -19.70
C GLY A 110 0.07 5.37 -19.46
N ILE A 111 0.11 6.48 -18.73
CA ILE A 111 -1.10 7.24 -18.41
C ILE A 111 -1.76 7.74 -19.69
N ASP A 112 -0.96 8.31 -20.59
CA ASP A 112 -1.54 8.86 -21.80
C ASP A 112 -2.17 7.76 -22.65
N ALA A 113 -1.52 6.60 -22.75
CA ALA A 113 -2.06 5.49 -23.53
C ALA A 113 -3.38 4.99 -22.96
N PHE A 114 -3.52 4.99 -21.62
CA PHE A 114 -4.77 4.55 -21.01
C PHE A 114 -5.93 5.45 -21.43
N TYR A 115 -5.75 6.76 -21.32
CA TYR A 115 -6.85 7.67 -21.64
C TYR A 115 -7.12 7.70 -23.13
N ALA A 116 -6.09 7.46 -23.95
CA ALA A 116 -6.33 7.33 -25.39
C ALA A 116 -7.22 6.13 -25.68
N ARG A 117 -6.99 5.02 -24.97
CA ARG A 117 -7.82 3.83 -25.14
C ARG A 117 -9.25 4.09 -24.70
N CYS A 118 -9.42 4.84 -23.59
CA CYS A 118 -10.76 5.23 -23.17
C CYS A 118 -11.46 6.02 -24.27
N GLU A 119 -10.75 6.99 -24.85
CA GLU A 119 -11.36 7.82 -25.88
C GLU A 119 -11.76 6.95 -27.07
N GLN A 120 -10.90 6.00 -27.44
CA GLN A 120 -11.16 5.19 -28.62
C GLN A 120 -12.38 4.28 -28.44
N VAL A 121 -12.63 3.78 -27.23
CA VAL A 121 -13.83 2.94 -27.03
C VAL A 121 -15.08 3.72 -26.66
N GLY A 122 -14.96 5.01 -26.41
CA GLY A 122 -16.13 5.85 -26.18
C GLY A 122 -16.45 6.10 -24.72
N VAL A 123 -15.50 5.89 -23.82
CA VAL A 123 -15.67 6.19 -22.39
C VAL A 123 -15.78 7.71 -22.23
N ASP A 124 -16.57 8.14 -21.24
CA ASP A 124 -16.77 9.57 -20.99
C ASP A 124 -15.99 10.13 -19.81
N SER A 125 -15.76 9.33 -18.77
CA SER A 125 -15.08 9.82 -17.58
C SER A 125 -14.29 8.69 -16.92
N VAL A 126 -13.32 9.08 -16.10
CA VAL A 126 -12.53 8.14 -15.30
C VAL A 126 -12.37 8.72 -13.91
N LEU A 127 -12.69 7.92 -12.91
CA LEU A 127 -12.40 8.23 -11.51
C LEU A 127 -11.31 7.26 -11.09
N VAL A 128 -10.14 7.79 -10.74
CA VAL A 128 -9.05 6.96 -10.22
C VAL A 128 -9.13 6.99 -8.71
N ALA A 129 -9.46 5.85 -8.11
CA ALA A 129 -9.86 5.84 -6.70
C ALA A 129 -8.73 6.29 -5.79
N ASP A 130 -7.49 5.90 -6.09
CA ASP A 130 -6.36 6.16 -5.19
C ASP A 130 -5.45 7.26 -5.72
N VAL A 131 -5.99 8.19 -6.49
CA VAL A 131 -5.28 9.41 -6.89
C VAL A 131 -6.02 10.60 -6.31
N PRO A 132 -5.55 11.16 -5.20
CA PRO A 132 -6.22 12.34 -4.65
C PRO A 132 -5.94 13.53 -5.55
N VAL A 133 -6.74 14.59 -5.39
N VAL A 133 -6.73 14.59 -5.35
CA VAL A 133 -6.58 15.75 -6.26
CA VAL A 133 -6.61 15.73 -6.23
C VAL A 133 -5.14 16.25 -6.20
C VAL A 133 -5.18 16.30 -6.18
N GLU A 134 -4.50 16.14 -5.03
CA GLU A 134 -3.14 16.62 -4.87
C GLU A 134 -2.14 15.90 -5.79
N GLU A 135 -2.45 14.67 -6.20
CA GLU A 135 -1.57 13.88 -7.07
C GLU A 135 -2.10 13.81 -8.50
N SER A 136 -3.15 14.56 -8.83
CA SER A 136 -3.93 14.23 -10.00
C SER A 136 -3.41 14.85 -11.29
N ALA A 137 -2.45 15.76 -11.24
CA ALA A 137 -2.11 16.55 -12.41
C ALA A 137 -1.87 15.71 -13.67
N PRO A 138 -0.99 14.70 -13.68
CA PRO A 138 -0.80 13.96 -14.94
C PRO A 138 -2.04 13.21 -15.41
N PHE A 139 -2.88 12.76 -14.47
CA PHE A 139 -4.09 12.04 -14.82
C PHE A 139 -5.13 12.96 -15.44
N ARG A 140 -5.40 14.12 -14.81
CA ARG A 140 -6.44 14.96 -15.38
C ARG A 140 -5.98 15.62 -16.67
N GLN A 141 -4.68 15.90 -16.82
CA GLN A 141 -4.18 16.43 -18.09
C GLN A 141 -4.33 15.41 -19.21
N ALA A 142 -3.96 14.16 -18.97
CA ALA A 142 -4.14 13.14 -19.99
C ALA A 142 -5.62 12.94 -20.30
N ALA A 143 -6.46 12.95 -19.25
CA ALA A 143 -7.88 12.80 -19.47
C ALA A 143 -8.40 13.87 -20.41
N LEU A 144 -8.12 15.14 -20.09
CA LEU A 144 -8.66 16.23 -20.88
C LEU A 144 -8.10 16.21 -22.30
N ARG A 145 -6.82 15.84 -22.46
CA ARG A 145 -6.24 15.73 -23.80
C ARG A 145 -6.98 14.72 -24.66
N HIS A 146 -7.63 13.73 -24.05
CA HIS A 146 -8.35 12.73 -24.82
C HIS A 146 -9.86 12.85 -24.65
N ASN A 147 -10.35 14.03 -24.25
CA ASN A 147 -11.77 14.31 -24.12
C ASN A 147 -12.45 13.38 -23.12
N ILE A 148 -11.74 13.04 -22.06
CA ILE A 148 -12.26 12.26 -20.94
C ILE A 148 -12.40 13.19 -19.75
N ALA A 149 -13.54 13.11 -19.07
CA ALA A 149 -13.73 13.89 -17.86
C ALA A 149 -13.00 13.22 -16.69
N PRO A 150 -12.10 13.90 -16.00
CA PRO A 150 -11.56 13.33 -14.75
C PRO A 150 -12.52 13.61 -13.60
N ILE A 151 -12.92 12.56 -12.89
CA ILE A 151 -13.89 12.65 -11.80
C ILE A 151 -13.14 12.66 -10.48
N PHE A 152 -13.55 13.56 -9.58
CA PHE A 152 -12.93 13.64 -8.27
C PHE A 152 -13.94 13.50 -7.15
N ILE A 153 -13.49 12.84 -6.08
CA ILE A 153 -14.26 12.64 -4.86
C ILE A 153 -14.28 13.93 -4.05
N CYS A 154 -15.47 14.33 -3.62
CA CYS A 154 -15.59 15.43 -2.66
C CYS A 154 -16.00 14.83 -1.33
N PRO A 155 -15.08 14.67 -0.37
CA PRO A 155 -15.41 13.94 0.85
C PRO A 155 -16.20 14.80 1.82
N PRO A 156 -16.80 14.18 2.85
CA PRO A 156 -17.57 14.98 3.81
C PRO A 156 -16.74 16.05 4.51
N ASN A 157 -15.47 15.78 4.79
CA ASN A 157 -14.63 16.71 5.54
C ASN A 157 -14.18 17.92 4.73
N ALA A 158 -14.38 17.90 3.41
CA ALA A 158 -13.72 18.81 2.47
C ALA A 158 -13.67 20.24 2.99
N ASP A 159 -12.45 20.77 3.12
CA ASP A 159 -12.30 22.17 3.44
C ASP A 159 -12.39 23.00 2.16
N ASP A 160 -12.31 24.32 2.31
CA ASP A 160 -12.57 25.22 1.19
C ASP A 160 -11.53 25.04 0.07
N ASP A 161 -10.28 24.75 0.44
CA ASP A 161 -9.24 24.51 -0.56
C ASP A 161 -9.54 23.27 -1.40
N LEU A 162 -9.96 22.18 -0.75
CA LEU A 162 -10.36 20.99 -1.50
C LEU A 162 -11.56 21.28 -2.39
N LEU A 163 -12.56 22.00 -1.86
CA LEU A 163 -13.73 22.33 -2.67
C LEU A 163 -13.33 23.07 -3.93
N ARG A 164 -12.42 24.04 -3.80
CA ARG A 164 -11.96 24.82 -4.95
C ARG A 164 -11.21 23.95 -5.95
N GLN A 165 -10.36 23.03 -5.45
CA GLN A 165 -9.62 22.15 -6.34
C GLN A 165 -10.57 21.21 -7.08
N VAL A 166 -11.50 20.60 -6.35
CA VAL A 166 -12.45 19.68 -6.98
C VAL A 166 -13.30 20.44 -8.00
N ALA A 167 -13.76 21.64 -7.64
CA ALA A 167 -14.56 22.43 -8.59
C ALA A 167 -13.75 22.77 -9.84
N SER A 168 -12.49 23.15 -9.65
CA SER A 168 -11.69 23.57 -10.80
C SER A 168 -11.24 22.38 -11.64
N TYR A 169 -10.90 21.25 -11.01
CA TYR A 169 -10.23 20.19 -11.76
C TYR A 169 -11.17 19.13 -12.33
N GLY A 170 -12.31 18.88 -11.70
CA GLY A 170 -13.19 17.84 -12.18
C GLY A 170 -14.05 18.30 -13.34
N ARG A 171 -14.50 17.33 -14.14
CA ARG A 171 -15.46 17.57 -15.22
C ARG A 171 -16.50 16.47 -15.21
N GLY A 172 -17.58 16.70 -15.97
CA GLY A 172 -18.59 15.68 -16.09
C GLY A 172 -19.50 15.71 -14.88
N TYR A 173 -19.03 15.17 -13.75
CA TYR A 173 -19.77 15.34 -12.50
C TYR A 173 -18.77 15.33 -11.34
N THR A 174 -19.21 15.92 -10.23
CA THR A 174 -18.49 15.82 -8.96
C THR A 174 -19.04 14.62 -8.19
N TYR A 175 -18.15 13.72 -7.77
CA TYR A 175 -18.56 12.59 -6.95
C TYR A 175 -18.68 13.06 -5.51
N LEU A 176 -19.91 13.28 -5.05
CA LEU A 176 -20.12 13.79 -3.69
C LEU A 176 -20.21 12.60 -2.73
N LEU A 177 -19.23 12.52 -1.84
CA LEU A 177 -19.04 11.37 -0.97
C LEU A 177 -19.95 11.49 0.25
N SER A 178 -20.75 10.45 0.51
CA SER A 178 -21.72 10.54 1.60
C SER A 178 -21.08 10.40 2.98
N ARG A 179 -19.95 9.70 3.09
CA ARG A 179 -19.36 9.39 4.39
C ARG A 179 -17.91 8.95 4.21
N SER A 180 -17.24 8.73 5.34
CA SER A 180 -15.92 8.11 5.38
C SER A 180 -16.05 6.58 5.30
N GLY A 181 -14.91 5.89 5.23
CA GLY A 181 -14.90 4.44 5.09
C GLY A 181 -14.84 4.00 3.65
N VAL A 182 -15.25 2.75 3.41
CA VAL A 182 -15.20 2.15 2.07
C VAL A 182 -16.62 1.93 1.56
N THR A 183 -16.74 1.47 0.31
CA THR A 183 -18.06 1.17 -0.23
C THR A 183 -18.73 0.05 0.54
N GLY A 184 -20.05 -0.01 0.40
CA GLY A 184 -20.85 -1.02 1.06
C GLY A 184 -22.25 -0.50 1.30
N ALA A 185 -23.26 -1.32 1.03
CA ALA A 185 -24.63 -0.93 1.30
C ALA A 185 -25.02 -1.22 2.75
N GLU A 186 -24.12 -1.80 3.54
CA GLU A 186 -24.35 -2.07 4.94
C GLU A 186 -23.95 -0.91 5.84
N ASN A 187 -23.52 0.21 5.26
CA ASN A 187 -23.13 1.41 6.00
C ASN A 187 -23.70 2.60 5.24
N ARG A 188 -24.80 3.16 5.74
CA ARG A 188 -25.42 4.29 5.06
C ARG A 188 -24.72 5.60 5.42
N GLY A 189 -24.86 6.59 4.55
CA GLY A 189 -24.17 7.86 4.72
C GLY A 189 -25.07 9.05 5.00
N ALA A 190 -24.53 10.25 4.83
CA ALA A 190 -25.27 11.49 5.12
C ALA A 190 -25.89 12.07 3.85
N LEU A 193 -24.94 16.86 2.17
CA LEU A 193 -24.92 18.10 2.93
C LEU A 193 -25.27 19.29 2.04
N HIS A 194 -26.00 20.25 2.62
CA HIS A 194 -26.38 21.47 1.91
C HIS A 194 -25.24 22.48 1.85
N HIS A 195 -24.19 22.32 2.66
CA HIS A 195 -23.06 23.23 2.52
C HIS A 195 -22.18 22.84 1.34
N LEU A 196 -21.88 21.53 1.21
CA LEU A 196 -21.04 21.10 0.11
C LEU A 196 -21.70 21.38 -1.24
N ILE A 197 -22.97 20.99 -1.38
CA ILE A 197 -23.65 21.17 -2.66
C ILE A 197 -23.70 22.64 -3.03
N GLU A 198 -23.90 23.52 -2.04
CA GLU A 198 -24.00 24.95 -2.32
C GLU A 198 -22.66 25.55 -2.75
N LYS A 199 -21.58 25.24 -2.02
CA LYS A 199 -20.27 25.78 -2.40
C LYS A 199 -19.82 25.24 -3.75
N LEU A 200 -20.10 23.96 -4.03
CA LEU A 200 -19.75 23.41 -5.32
C LEU A 200 -20.47 24.16 -6.44
N LYS A 201 -21.75 24.46 -6.25
CA LYS A 201 -22.46 25.31 -7.20
C LYS A 201 -21.85 26.70 -7.27
N GLU A 202 -21.47 27.26 -6.11
CA GLU A 202 -20.86 28.58 -6.09
C GLU A 202 -19.53 28.61 -6.82
N TYR A 203 -18.83 27.48 -6.87
CA TYR A 203 -17.51 27.44 -7.46
C TYR A 203 -17.57 26.91 -8.88
N HIS A 204 -18.78 26.82 -9.44
CA HIS A 204 -19.01 26.35 -10.80
C HIS A 204 -18.45 24.94 -11.01
N ALA A 205 -18.63 24.08 -10.01
CA ALA A 205 -18.21 22.70 -10.12
C ALA A 205 -19.11 21.93 -11.07
N ALA A 206 -18.64 20.78 -11.54
CA ALA A 206 -19.49 19.89 -12.32
C ALA A 206 -20.63 19.38 -11.42
N PRO A 207 -21.79 19.05 -12.01
CA PRO A 207 -22.96 18.68 -11.20
C PRO A 207 -22.64 17.52 -10.28
N ALA A 208 -23.19 17.56 -9.06
CA ALA A 208 -22.81 16.61 -8.02
C ALA A 208 -23.69 15.37 -8.04
N LEU A 209 -23.06 14.20 -8.03
CA LEU A 209 -23.76 12.92 -7.85
C LEU A 209 -23.33 12.33 -6.51
N GLN A 210 -24.31 11.92 -5.69
CA GLN A 210 -24.00 11.37 -4.38
C GLN A 210 -23.84 9.85 -4.48
N GLY A 211 -22.79 9.32 -3.83
CA GLY A 211 -22.54 7.89 -3.83
C GLY A 211 -22.02 7.41 -2.49
N PHE A 212 -21.81 6.09 -2.39
CA PHE A 212 -21.59 5.36 -1.13
C PHE A 212 -22.80 5.13 -0.24
N GLY A 213 -23.46 3.99 -0.43
CA GLY A 213 -24.49 3.54 0.49
C GLY A 213 -25.88 3.83 0.03
N ILE A 214 -26.02 4.33 -1.19
CA ILE A 214 -27.32 4.56 -1.81
C ILE A 214 -27.90 3.20 -2.17
N SER A 215 -28.90 2.76 -1.41
CA SER A 215 -29.48 1.44 -1.61
C SER A 215 -30.99 1.42 -1.61
N SER A 216 -31.65 2.52 -1.29
CA SER A 216 -33.10 2.60 -1.21
C SER A 216 -33.61 3.75 -2.06
N PRO A 217 -34.80 3.60 -2.65
CA PRO A 217 -35.31 4.64 -3.55
C PRO A 217 -35.43 6.01 -2.92
N GLU A 218 -35.75 6.08 -1.64
CA GLU A 218 -35.92 7.37 -0.98
C GLU A 218 -34.58 8.09 -0.76
N GLN A 219 -33.47 7.36 -0.82
CA GLN A 219 -32.17 8.02 -0.80
C GLN A 219 -31.91 8.77 -2.10
N VAL A 220 -32.40 8.23 -3.22
CA VAL A 220 -32.29 8.93 -4.50
C VAL A 220 -33.07 10.23 -4.45
N SER A 221 -34.31 10.18 -3.96
CA SER A 221 -35.11 11.41 -3.90
C SER A 221 -34.51 12.40 -2.92
N ALA A 222 -33.97 11.92 -1.80
CA ALA A 222 -33.35 12.83 -0.85
C ALA A 222 -32.12 13.53 -1.44
N ALA A 223 -31.33 12.80 -2.23
CA ALA A 223 -30.13 13.41 -2.81
C ALA A 223 -30.51 14.53 -3.78
N VAL A 224 -31.48 14.26 -4.67
CA VAL A 224 -31.96 15.29 -5.58
C VAL A 224 -32.55 16.46 -4.82
N ARG A 225 -33.37 16.16 -3.80
CA ARG A 225 -34.00 17.21 -3.00
C ARG A 225 -32.96 18.12 -2.34
N ALA A 226 -31.81 17.56 -1.96
CA ALA A 226 -30.73 18.32 -1.33
C ALA A 226 -29.95 19.18 -2.32
N GLY A 227 -30.21 19.04 -3.62
CA GLY A 227 -29.52 19.84 -4.62
C GLY A 227 -28.54 19.07 -5.48
N ALA A 228 -28.30 17.80 -5.20
CA ALA A 228 -27.45 17.01 -6.07
C ALA A 228 -28.17 16.73 -7.38
N ALA A 229 -27.39 16.49 -8.43
CA ALA A 229 -27.95 16.17 -9.74
C ALA A 229 -28.42 14.72 -9.85
N GLY A 230 -28.12 13.90 -8.86
CA GLY A 230 -28.52 12.51 -8.89
C GLY A 230 -27.71 11.69 -7.90
N ALA A 231 -27.82 10.37 -8.06
CA ALA A 231 -27.23 9.42 -7.12
C ALA A 231 -26.62 8.24 -7.87
N ILE A 232 -25.56 7.69 -7.28
CA ILE A 232 -24.87 6.50 -7.77
C ILE A 232 -25.08 5.38 -6.77
N SER A 233 -25.36 4.17 -7.26
CA SER A 233 -25.59 3.03 -6.39
C SER A 233 -24.79 1.85 -6.89
N GLY A 234 -23.98 1.29 -6.01
CA GLY A 234 -23.01 0.26 -6.33
C GLY A 234 -23.36 -1.07 -5.69
N SER A 235 -22.82 -1.26 -4.49
CA SER A 235 -23.02 -2.46 -3.68
C SER A 235 -24.44 -3.00 -3.72
N ALA A 236 -25.44 -2.11 -3.68
CA ALA A 236 -26.83 -2.57 -3.71
C ALA A 236 -27.15 -3.33 -4.98
N ILE A 237 -26.65 -2.86 -6.13
CA ILE A 237 -26.83 -3.57 -7.38
C ILE A 237 -26.03 -4.87 -7.38
N VAL A 238 -24.77 -4.80 -6.94
CA VAL A 238 -23.89 -5.95 -7.04
C VAL A 238 -24.36 -7.07 -6.13
N LYS A 239 -25.07 -6.73 -5.04
CA LYS A 239 -25.63 -7.76 -4.18
C LYS A 239 -26.72 -8.57 -4.90
N ILE A 240 -27.46 -7.94 -5.81
CA ILE A 240 -28.42 -8.69 -6.60
C ILE A 240 -27.70 -9.70 -7.50
N ILE A 241 -26.56 -9.29 -8.08
CA ILE A 241 -25.74 -10.23 -8.83
C ILE A 241 -25.26 -11.37 -7.94
N GLU A 242 -24.75 -11.04 -6.75
CA GLU A 242 -24.25 -12.04 -5.82
C GLU A 242 -25.34 -13.05 -5.44
N LYS A 243 -26.53 -12.55 -5.10
CA LYS A 243 -27.58 -13.43 -4.60
C LYS A 243 -28.10 -14.40 -5.64
N ASN A 244 -27.98 -14.09 -6.92
CA ASN A 244 -28.62 -14.85 -7.98
C ASN A 244 -27.63 -15.47 -8.96
N LEU A 245 -26.42 -15.79 -8.49
CA LEU A 245 -25.42 -16.39 -9.36
C LEU A 245 -25.97 -17.65 -10.02
N ALA A 246 -26.61 -18.51 -9.23
CA ALA A 246 -27.16 -19.76 -9.72
C ALA A 246 -28.39 -19.59 -10.60
N SER A 247 -29.01 -18.40 -10.61
CA SER A 247 -30.24 -18.15 -11.36
C SER A 247 -30.02 -16.96 -12.30
N PRO A 248 -29.34 -17.17 -13.44
CA PRO A 248 -29.11 -16.08 -14.40
C PRO A 248 -30.31 -15.21 -14.71
N LYS A 249 -31.43 -15.83 -15.11
CA LYS A 249 -32.58 -15.05 -15.56
C LYS A 249 -33.27 -14.34 -14.40
N GLN A 250 -33.36 -15.00 -13.23
CA GLN A 250 -33.88 -14.31 -12.06
C GLN A 250 -33.03 -13.09 -11.73
N MET A 251 -31.71 -13.19 -11.94
CA MET A 251 -30.82 -12.07 -11.62
C MET A 251 -31.18 -10.86 -12.47
N LEU A 252 -31.36 -11.09 -13.78
CA LEU A 252 -31.71 -10.00 -14.69
C LEU A 252 -33.06 -9.40 -14.32
N ALA A 253 -33.99 -10.21 -13.85
CA ALA A 253 -35.32 -9.71 -13.48
C ALA A 253 -35.27 -8.90 -12.19
N GLU A 254 -34.53 -9.37 -11.18
CA GLU A 254 -34.39 -8.60 -9.95
C GLU A 254 -33.61 -7.32 -10.21
N LEU A 255 -32.60 -7.39 -11.07
CA LEU A 255 -31.84 -6.20 -11.44
C LEU A 255 -32.74 -5.17 -12.09
N ARG A 256 -33.60 -5.62 -13.01
CA ARG A 256 -34.49 -4.70 -13.71
C ARG A 256 -35.45 -4.02 -12.76
N SER A 257 -36.02 -4.78 -11.82
CA SER A 257 -36.97 -4.22 -10.86
C SER A 257 -36.32 -3.16 -9.98
N PHE A 258 -35.11 -3.44 -9.47
CA PHE A 258 -34.48 -2.49 -8.55
C PHE A 258 -34.10 -1.20 -9.27
N VAL A 259 -33.50 -1.30 -10.46
CA VAL A 259 -33.12 -0.10 -11.19
C VAL A 259 -34.36 0.73 -11.53
N SER A 260 -35.44 0.07 -11.97
CA SER A 260 -36.65 0.80 -12.28
C SER A 260 -37.19 1.51 -11.05
N ALA A 261 -37.16 0.85 -9.90
CA ALA A 261 -37.59 1.48 -8.65
C ALA A 261 -36.71 2.68 -8.32
N MET A 262 -35.39 2.50 -8.41
CA MET A 262 -34.45 3.60 -8.15
C MET A 262 -34.65 4.74 -9.13
N LYS A 263 -34.78 4.42 -10.42
CA LYS A 263 -34.91 5.47 -11.42
C LYS A 263 -36.18 6.28 -11.19
N ALA A 264 -37.28 5.61 -10.87
CA ALA A 264 -38.54 6.31 -10.64
C ALA A 264 -38.42 7.32 -9.50
N ALA A 265 -37.56 7.05 -8.53
CA ALA A 265 -37.40 7.94 -7.39
C ALA A 265 -36.73 9.27 -7.74
N SER A 266 -36.09 9.38 -8.92
CA SER A 266 -35.35 10.58 -9.27
C SER A 266 -36.24 11.65 -9.92
N ARG A 267 -37.55 11.57 -9.74
CA ARG A 267 -38.46 12.63 -10.20
C ARG A 267 -39.17 13.26 -9.01
N THR B 2 -1.00 20.15 -0.64
CA THR B 2 -0.05 20.95 0.14
C THR B 2 0.52 20.12 1.30
N THR B 3 1.85 20.01 1.37
CA THR B 3 2.49 19.30 2.47
C THR B 3 3.60 20.13 3.06
N LEU B 4 4.00 19.75 4.27
CA LEU B 4 5.13 20.41 4.92
C LEU B 4 6.47 19.90 4.39
N LEU B 5 6.53 18.62 4.06
CA LEU B 5 7.76 17.96 3.63
C LEU B 5 7.58 17.43 2.22
N ASN B 6 8.69 17.15 1.55
CA ASN B 6 8.64 16.66 0.18
C ASN B 6 8.15 15.22 0.18
N PRO B 7 7.01 14.90 -0.45
CA PRO B 7 6.52 13.52 -0.43
C PRO B 7 7.24 12.59 -1.40
N TYR B 8 8.16 13.12 -2.20
CA TYR B 8 8.82 12.37 -3.25
C TYR B 8 10.31 12.27 -3.01
N PHE B 9 10.88 11.19 -3.54
CA PHE B 9 12.32 10.97 -3.63
C PHE B 9 12.57 10.84 -5.13
N GLY B 10 12.94 11.93 -5.79
CA GLY B 10 12.94 11.92 -7.24
C GLY B 10 11.53 11.62 -7.73
N GLU B 11 11.43 10.65 -8.64
CA GLU B 11 10.13 10.30 -9.20
C GLU B 11 9.30 9.38 -8.30
N PHE B 12 9.87 8.91 -7.20
CA PHE B 12 9.28 7.83 -6.40
C PHE B 12 8.63 8.38 -5.13
N GLY B 13 7.56 7.73 -4.69
CA GLY B 13 6.91 8.11 -3.45
C GLY B 13 5.50 8.63 -3.64
N GLY B 14 5.20 9.76 -3.02
CA GLY B 14 3.89 10.37 -3.18
C GLY B 14 2.89 9.90 -2.17
N MET B 15 1.61 10.30 -2.40
CA MET B 15 0.51 10.04 -1.49
C MET B 15 -0.66 9.52 -2.33
N TYR B 16 -0.57 8.28 -2.77
CA TYR B 16 -1.59 7.74 -3.67
C TYR B 16 -2.63 6.96 -2.86
N VAL B 17 -3.44 7.71 -2.14
CA VAL B 17 -4.50 7.16 -1.30
C VAL B 17 -5.81 7.80 -1.73
N PRO B 18 -6.94 7.16 -1.46
CA PRO B 18 -8.24 7.82 -1.66
C PRO B 18 -8.29 9.16 -0.95
N GLN B 19 -9.05 10.10 -1.54
CA GLN B 19 -9.15 11.45 -0.99
C GLN B 19 -9.50 11.44 0.49
N ILE B 20 -10.35 10.51 0.92
CA ILE B 20 -10.82 10.50 2.30
C ILE B 20 -9.69 10.31 3.30
N LEU B 21 -8.55 9.74 2.87
CA LEU B 21 -7.41 9.49 3.76
C LEU B 21 -6.38 10.62 3.78
N MET B 22 -6.43 11.59 2.84
CA MET B 22 -5.47 12.70 2.91
C MET B 22 -5.49 13.49 4.20
N PRO B 23 -6.63 13.84 4.79
CA PRO B 23 -6.55 14.51 6.10
C PRO B 23 -5.78 13.71 7.14
N ALA B 24 -5.92 12.39 7.18
CA ALA B 24 -5.16 11.60 8.14
C ALA B 24 -3.66 11.66 7.87
N LEU B 25 -3.26 11.59 6.60
CA LEU B 25 -1.84 11.72 6.28
C LEU B 25 -1.33 13.12 6.58
N ASN B 26 -2.12 14.15 6.26
CA ASN B 26 -1.68 15.52 6.55
C ASN B 26 -1.58 15.73 8.06
N GLN B 27 -2.55 15.23 8.83
CA GLN B 27 -2.48 15.34 10.28
C GLN B 27 -1.21 14.66 10.81
N LEU B 28 -0.91 13.47 10.30
CA LEU B 28 0.26 12.74 10.75
C LEU B 28 1.55 13.48 10.42
N GLU B 29 1.65 14.04 9.21
CA GLU B 29 2.84 14.79 8.85
C GLU B 29 3.05 15.97 9.77
N GLU B 30 1.97 16.72 10.05
CA GLU B 30 2.09 17.87 10.95
C GLU B 30 2.51 17.44 12.34
N ALA B 31 1.94 16.34 12.84
CA ALA B 31 2.33 15.87 14.18
C ALA B 31 3.79 15.46 14.21
N PHE B 32 4.25 14.78 13.15
CA PHE B 32 5.64 14.35 13.08
C PHE B 32 6.58 15.55 13.03
N VAL B 33 6.27 16.53 12.18
CA VAL B 33 7.14 17.71 12.10
C VAL B 33 7.18 18.42 13.44
N SER B 34 6.02 18.55 14.09
CA SER B 34 5.98 19.13 15.42
C SER B 34 6.83 18.33 16.40
N ALA B 35 6.67 17.01 16.39
CA ALA B 35 7.40 16.15 17.32
C ALA B 35 8.89 16.25 17.11
N GLN B 36 9.33 16.32 15.85
CA GLN B 36 10.76 16.38 15.58
C GLN B 36 11.40 17.65 16.12
N LYS B 37 10.61 18.70 16.35
CA LYS B 37 11.12 19.95 16.90
C LYS B 37 10.97 20.03 18.40
N ASP B 38 10.42 19.01 19.04
CA ASP B 38 9.99 19.08 20.41
C ASP B 38 11.00 18.35 21.29
N PRO B 39 11.82 19.04 22.06
CA PRO B 39 12.79 18.33 22.90
C PRO B 39 12.17 17.37 23.90
N GLU B 40 10.96 17.64 24.38
CA GLU B 40 10.30 16.71 25.28
C GLU B 40 9.94 15.41 24.59
N PHE B 41 9.44 15.49 23.34
CA PHE B 41 9.20 14.27 22.58
C PHE B 41 10.50 13.48 22.39
N GLN B 42 11.55 14.17 21.97
CA GLN B 42 12.80 13.47 21.70
C GLN B 42 13.34 12.82 22.97
N ALA B 43 13.23 13.51 24.11
CA ALA B 43 13.69 12.93 25.37
C ALA B 43 12.89 11.69 25.76
N GLN B 44 11.57 11.73 25.58
CA GLN B 44 10.74 10.56 25.86
C GLN B 44 11.09 9.40 24.95
N PHE B 45 11.25 9.67 23.66
CA PHE B 45 11.60 8.61 22.72
C PHE B 45 12.96 8.03 23.08
N ALA B 46 13.94 8.89 23.36
CA ALA B 46 15.26 8.39 23.71
C ALA B 46 15.22 7.56 24.98
N ASP B 47 14.35 7.95 25.92
CA ASP B 47 14.28 7.22 27.20
C ASP B 47 13.72 5.82 26.99
N LEU B 48 12.67 5.71 26.18
CA LEU B 48 12.14 4.39 25.83
C LEU B 48 13.20 3.56 25.12
N LEU B 49 13.88 4.17 24.14
CA LEU B 49 14.87 3.41 23.40
C LEU B 49 15.95 2.85 24.31
N LYS B 50 16.43 3.67 25.26
CA LYS B 50 17.51 3.27 26.14
C LYS B 50 17.05 2.27 27.20
N ASN B 51 16.03 2.63 27.97
CA ASN B 51 15.71 1.93 29.21
C ASN B 51 14.70 0.83 29.03
N TYR B 52 13.98 0.84 27.91
CA TYR B 52 13.04 -0.23 27.59
C TYR B 52 13.54 -1.12 26.47
N ALA B 53 14.00 -0.52 25.37
CA ALA B 53 14.41 -1.33 24.23
C ALA B 53 15.86 -1.81 24.32
N GLY B 54 16.71 -1.12 25.08
CA GLY B 54 18.09 -1.54 25.25
C GLY B 54 19.13 -0.87 24.37
N ARG B 55 18.83 0.30 23.81
CA ARG B 55 19.83 1.01 23.01
C ARG B 55 20.87 1.66 23.90
N PRO B 56 22.12 1.84 23.42
CA PRO B 56 22.60 1.44 22.09
C PRO B 56 22.83 -0.05 22.00
N THR B 57 22.68 -0.59 20.79
CA THR B 57 23.00 -1.99 20.54
C THR B 57 24.47 -2.13 20.21
N ALA B 58 25.03 -3.30 20.53
CA ALA B 58 26.45 -3.54 20.31
C ALA B 58 26.82 -3.49 18.82
N LEU B 59 28.09 -3.23 18.56
CA LEU B 59 28.72 -3.40 17.25
C LEU B 59 29.81 -4.45 17.42
N THR B 60 29.57 -5.65 16.89
CA THR B 60 30.39 -6.83 17.18
C THR B 60 31.34 -7.13 16.04
N LYS B 61 32.64 -7.18 16.34
CA LYS B 61 33.60 -7.62 15.33
C LYS B 61 33.61 -9.13 15.21
N CYS B 62 33.46 -9.63 13.98
CA CYS B 62 33.39 -11.06 13.72
C CYS B 62 34.75 -11.51 13.22
N GLN B 63 35.58 -11.98 14.15
CA GLN B 63 36.94 -12.38 13.80
C GLN B 63 36.99 -13.75 13.12
N ASN B 64 36.24 -14.75 13.62
CA ASN B 64 36.39 -16.10 13.06
C ASN B 64 35.95 -16.16 11.60
N ILE B 65 34.87 -15.47 11.25
CA ILE B 65 34.30 -15.54 9.91
C ILE B 65 35.26 -15.03 8.85
N THR B 66 36.08 -14.04 9.16
CA THR B 66 36.91 -13.39 8.15
C THR B 66 38.34 -13.89 8.15
N ALA B 67 38.66 -14.91 8.95
CA ALA B 67 40.05 -15.32 9.09
C ALA B 67 40.67 -15.67 7.75
N GLY B 68 41.90 -15.22 7.55
CA GLY B 68 42.61 -15.50 6.32
C GLY B 68 42.30 -14.56 5.17
N THR B 69 41.43 -13.58 5.38
CA THR B 69 41.10 -12.57 4.38
C THR B 69 41.48 -11.20 4.89
N ARG B 70 41.34 -10.21 4.02
N ARG B 70 41.35 -10.21 4.00
CA ARG B 70 41.59 -8.82 4.37
CA ARG B 70 41.58 -8.81 4.34
C ARG B 70 40.28 -8.06 4.64
C ARG B 70 40.28 -8.07 4.62
N THR B 71 39.20 -8.79 4.92
CA THR B 71 37.93 -8.18 5.31
C THR B 71 37.88 -8.08 6.82
N THR B 72 37.50 -6.90 7.32
CA THR B 72 37.11 -6.73 8.72
C THR B 72 35.61 -6.54 8.72
N LEU B 73 34.89 -7.43 9.42
CA LEU B 73 33.42 -7.45 9.38
C LEU B 73 32.88 -7.17 10.78
N TYR B 74 32.03 -6.14 10.90
CA TYR B 74 31.29 -5.85 12.12
C TYR B 74 29.82 -6.11 11.86
N LEU B 75 29.13 -6.57 12.90
CA LEU B 75 27.68 -6.75 12.87
C LEU B 75 27.05 -5.72 13.81
N LYS B 76 26.14 -4.92 13.29
CA LYS B 76 25.35 -4.03 14.15
C LYS B 76 24.20 -4.84 14.76
N ARG B 77 24.12 -4.91 16.10
CA ARG B 77 23.37 -6.00 16.76
C ARG B 77 21.93 -5.59 17.07
N GLU B 78 21.14 -5.34 16.03
CA GLU B 78 19.72 -5.11 16.26
C GLU B 78 19.00 -6.39 16.73
N ASP B 79 19.64 -7.55 16.57
CA ASP B 79 19.15 -8.79 17.17
C ASP B 79 19.09 -8.71 18.68
N LEU B 80 19.85 -7.82 19.30
CA LEU B 80 19.83 -7.64 20.75
C LEU B 80 18.79 -6.63 21.22
N LEU B 81 18.09 -5.98 20.29
CA LEU B 81 17.02 -5.06 20.66
C LEU B 81 15.84 -5.83 21.24
N HIS B 82 15.13 -5.21 22.18
CA HIS B 82 13.95 -5.84 22.75
C HIS B 82 12.98 -6.20 21.62
N GLY B 83 12.47 -7.44 21.64
CA GLY B 83 11.67 -7.98 20.56
C GLY B 83 12.45 -8.74 19.54
N GLY B 84 13.77 -8.59 19.53
CA GLY B 84 14.66 -9.37 18.71
C GLY B 84 14.82 -8.88 17.29
N ALA B 85 14.32 -7.68 16.99
CA ALA B 85 14.48 -7.12 15.65
C ALA B 85 14.40 -5.60 15.74
N HIS B 86 14.96 -4.95 14.71
CA HIS B 86 15.03 -3.48 14.66
C HIS B 86 13.64 -2.83 14.66
N LYS B 87 12.57 -3.57 14.34
CA LYS B 87 11.26 -2.93 14.17
C LYS B 87 10.83 -2.20 15.44
N THR B 88 11.33 -2.62 16.60
CA THR B 88 10.93 -2.03 17.86
C THR B 88 11.25 -0.54 17.91
N ASN B 89 12.33 -0.13 17.25
CA ASN B 89 12.71 1.29 17.32
C ASN B 89 11.56 2.17 16.87
N GLN B 90 11.02 1.90 15.68
CA GLN B 90 10.12 2.85 15.06
C GLN B 90 8.71 2.73 15.60
N VAL B 91 8.30 1.53 16.04
CA VAL B 91 6.96 1.42 16.64
C VAL B 91 6.88 2.22 17.93
N LEU B 92 8.00 2.34 18.68
CA LEU B 92 7.96 3.16 19.88
C LEU B 92 7.77 4.63 19.51
N GLY B 93 8.46 5.09 18.47
CA GLY B 93 8.26 6.45 18.00
C GLY B 93 6.86 6.70 17.48
N GLN B 94 6.34 5.78 16.66
CA GLN B 94 4.98 5.96 16.14
C GLN B 94 3.94 5.88 17.25
N ALA B 95 4.17 5.03 18.25
CA ALA B 95 3.23 4.97 19.37
C ALA B 95 3.20 6.31 20.12
N LEU B 96 4.37 6.93 20.28
CA LEU B 96 4.40 8.24 20.92
C LEU B 96 3.74 9.30 20.04
N LEU B 97 3.89 9.21 18.71
CA LEU B 97 3.17 10.11 17.82
C LEU B 97 1.66 9.93 17.95
N ALA B 98 1.20 8.68 18.02
CA ALA B 98 -0.24 8.45 18.15
C ALA B 98 -0.75 9.13 19.41
N LYS B 99 -0.01 9.02 20.50
CA LYS B 99 -0.43 9.68 21.72
C LYS B 99 -0.38 11.21 21.59
N ARG B 100 0.65 11.74 20.92
CA ARG B 100 0.71 13.18 20.67
C ARG B 100 -0.54 13.67 19.94
N MET B 101 -1.12 12.83 19.09
CA MET B 101 -2.30 13.17 18.30
C MET B 101 -3.60 12.86 19.04
N GLY B 102 -3.52 12.35 20.26
CA GLY B 102 -4.73 12.00 20.99
C GLY B 102 -5.39 10.72 20.52
N LYS B 103 -4.66 9.85 19.82
CA LYS B 103 -5.23 8.57 19.38
C LYS B 103 -5.05 7.53 20.48
N SER B 104 -6.10 6.74 20.71
CA SER B 104 -6.04 5.70 21.73
C SER B 104 -6.01 4.29 21.14
N GLU B 105 -6.10 4.16 19.82
CA GLU B 105 -6.09 2.86 19.16
C GLU B 105 -5.03 2.83 18.08
N ILE B 106 -4.47 1.64 17.87
CA ILE B 106 -3.43 1.39 16.88
C ILE B 106 -3.93 0.33 15.92
N ILE B 107 -3.81 0.61 14.62
CA ILE B 107 -4.01 -0.37 13.56
C ILE B 107 -2.63 -0.74 13.03
N ALA B 108 -2.37 -2.05 12.83
CA ALA B 108 -1.14 -2.45 12.19
C ALA B 108 -1.43 -3.61 11.24
N GLU B 109 -0.59 -3.70 10.20
CA GLU B 109 -0.60 -4.85 9.26
C GLU B 109 0.60 -5.74 9.60
N THR B 110 0.54 -7.01 9.25
CA THR B 110 1.72 -7.89 9.44
C THR B 110 1.64 -9.09 8.49
N GLY B 111 2.79 -9.53 8.01
CA GLY B 111 2.90 -10.71 7.15
C GLY B 111 3.58 -11.69 8.08
N ALA B 112 4.89 -11.60 8.19
CA ALA B 112 5.68 -12.55 8.99
C ALA B 112 5.34 -12.53 10.49
N GLY B 113 4.59 -11.54 10.94
CA GLY B 113 4.26 -11.50 12.37
C GLY B 113 5.15 -10.52 13.10
N GLN B 114 6.26 -10.18 12.52
N GLN B 114 6.27 -10.20 12.52
N GLN B 114 6.27 -10.21 12.52
CA GLN B 114 7.27 -9.44 13.26
CA GLN B 114 7.29 -9.45 13.26
CA GLN B 114 7.27 -9.45 13.31
C GLN B 114 6.79 -8.04 13.59
C GLN B 114 6.82 -8.04 13.59
C GLN B 114 6.74 -8.04 13.61
N HIS B 115 6.26 -7.34 12.59
CA HIS B 115 5.75 -6.01 12.86
C HIS B 115 4.53 -6.06 13.76
N GLY B 116 3.71 -7.10 13.61
CA GLY B 116 2.57 -7.28 14.50
C GLY B 116 2.99 -7.39 15.95
N VAL B 117 4.05 -8.15 16.21
CA VAL B 117 4.56 -8.29 17.59
C VAL B 117 5.12 -6.96 18.08
N ALA B 118 5.89 -6.26 17.23
CA ALA B 118 6.47 -4.98 17.63
C ALA B 118 5.36 -3.97 17.91
N SER B 119 4.35 -3.93 17.06
CA SER B 119 3.23 -3.03 17.30
C SER B 119 2.51 -3.39 18.59
N ALA B 120 2.32 -4.69 18.83
CA ALA B 120 1.63 -5.13 20.04
C ALA B 120 2.42 -4.77 21.30
N LEU B 121 3.75 -4.94 21.29
CA LEU B 121 4.50 -4.64 22.52
C LEU B 121 4.52 -3.15 22.81
N ALA B 122 4.68 -2.32 21.77
CA ALA B 122 4.65 -0.88 21.97
C ALA B 122 3.29 -0.45 22.47
N SER B 123 2.23 -1.05 21.92
CA SER B 123 0.88 -0.70 22.34
C SER B 123 0.62 -1.11 23.79
N ALA B 124 1.12 -2.28 24.19
CA ALA B 124 0.95 -2.73 25.57
C ALA B 124 1.67 -1.79 26.54
N LEU B 125 2.90 -1.42 26.21
CA LEU B 125 3.67 -0.52 27.07
C LEU B 125 2.99 0.84 27.22
N LEU B 126 2.51 1.41 26.11
CA LEU B 126 2.00 2.77 26.11
C LEU B 126 0.48 2.85 26.25
N GLY B 127 -0.17 1.74 26.59
CA GLY B 127 -1.60 1.73 26.90
C GLY B 127 -2.51 2.05 25.74
N LEU B 128 -2.16 1.59 24.55
CA LEU B 128 -2.98 1.73 23.36
C LEU B 128 -3.67 0.41 23.03
N LYS B 129 -4.89 0.51 22.51
CA LYS B 129 -5.67 -0.65 22.09
C LYS B 129 -5.27 -0.99 20.66
N CYS B 130 -4.64 -2.15 20.47
CA CYS B 130 -3.98 -2.51 19.22
C CYS B 130 -4.81 -3.55 18.47
N ARG B 131 -5.10 -3.29 17.19
CA ARG B 131 -5.66 -4.31 16.31
C ARG B 131 -4.74 -4.53 15.12
N ILE B 132 -4.54 -5.80 14.77
CA ILE B 132 -3.55 -6.21 13.79
C ILE B 132 -4.23 -7.02 12.71
N TYR B 133 -4.07 -6.58 11.46
CA TYR B 133 -4.57 -7.30 10.30
C TYR B 133 -3.48 -8.20 9.76
N MET B 134 -3.81 -9.48 9.55
CA MET B 134 -2.90 -10.50 9.05
C MET B 134 -3.62 -11.33 8.01
N GLY B 135 -3.00 -11.51 6.86
CA GLY B 135 -3.58 -12.41 5.86
C GLY B 135 -3.72 -13.80 6.43
N ALA B 136 -4.84 -14.44 6.11
CA ALA B 136 -5.17 -15.73 6.70
C ALA B 136 -4.09 -16.78 6.43
N LYS B 137 -3.44 -16.72 5.26
CA LYS B 137 -2.36 -17.66 4.98
C LYS B 137 -1.20 -17.42 5.93
N ASP B 138 -0.98 -16.16 6.30
CA ASP B 138 0.13 -15.83 7.19
C ASP B 138 -0.21 -16.17 8.63
N VAL B 139 -1.47 -15.99 9.04
CA VAL B 139 -1.91 -16.44 10.35
C VAL B 139 -1.58 -17.92 10.52
N GLU B 140 -1.88 -18.72 9.50
CA GLU B 140 -1.67 -20.16 9.56
C GLU B 140 -0.21 -20.51 9.77
N ARG B 141 0.71 -19.83 9.07
CA ARG B 141 2.10 -20.24 9.16
C ARG B 141 2.91 -19.45 10.18
N GLN B 142 2.30 -18.49 10.87
CA GLN B 142 3.01 -17.75 11.91
C GLN B 142 2.32 -17.86 13.28
N SER B 143 1.86 -19.05 13.63
CA SER B 143 1.15 -19.22 14.90
C SER B 143 1.96 -18.77 16.12
N PRO B 144 3.30 -18.93 16.18
CA PRO B 144 4.02 -18.37 17.34
C PRO B 144 3.91 -16.87 17.47
N ASN B 145 4.10 -16.12 16.37
CA ASN B 145 3.99 -14.67 16.46
C ASN B 145 2.56 -14.24 16.74
N VAL B 146 1.57 -14.96 16.21
CA VAL B 146 0.19 -14.63 16.51
C VAL B 146 -0.06 -14.77 18.01
N PHE B 147 0.49 -15.82 18.62
CA PHE B 147 0.28 -16.03 20.04
C PHE B 147 0.97 -14.95 20.87
N ARG B 148 2.15 -14.52 20.44
CA ARG B 148 2.82 -13.39 21.09
C ARG B 148 1.96 -12.14 21.05
N MET B 149 1.41 -11.84 19.86
CA MET B 149 0.51 -10.69 19.73
C MET B 149 -0.66 -10.81 20.71
N ARG B 150 -1.27 -11.99 20.80
CA ARG B 150 -2.42 -12.13 21.67
C ARG B 150 -2.02 -12.07 23.14
N LEU B 151 -0.87 -12.65 23.49
CA LEU B 151 -0.36 -12.53 24.86
C LEU B 151 -0.17 -11.07 25.26
N MET B 152 0.19 -10.20 24.31
CA MET B 152 0.37 -8.79 24.58
C MET B 152 -0.91 -7.99 24.49
N GLY B 153 -2.07 -8.64 24.40
CA GLY B 153 -3.35 -7.95 24.44
C GLY B 153 -3.82 -7.39 23.11
N ALA B 154 -3.13 -7.70 22.03
CA ALA B 154 -3.53 -7.21 20.72
C ALA B 154 -4.61 -8.11 20.13
N GLU B 155 -5.49 -7.51 19.33
CA GLU B 155 -6.52 -8.27 18.63
C GLU B 155 -5.99 -8.58 17.24
N VAL B 156 -5.92 -9.86 16.90
CA VAL B 156 -5.41 -10.29 15.61
C VAL B 156 -6.59 -10.66 14.74
N ILE B 157 -6.69 -10.01 13.58
CA ILE B 157 -7.83 -10.14 12.67
C ILE B 157 -7.36 -10.79 11.38
N PRO B 158 -7.71 -12.06 11.14
CA PRO B 158 -7.36 -12.71 9.87
C PRO B 158 -8.06 -12.07 8.68
N VAL B 159 -7.31 -11.93 7.58
CA VAL B 159 -7.82 -11.33 6.35
C VAL B 159 -7.91 -12.41 5.28
N HIS B 160 -9.12 -12.64 4.78
CA HIS B 160 -9.42 -13.70 3.82
C HIS B 160 -9.60 -13.18 2.40
N SER B 161 -9.61 -11.87 2.18
CA SER B 161 -9.84 -11.32 0.85
C SER B 161 -8.57 -11.44 0.00
N GLY B 162 -8.77 -11.35 -1.31
CA GLY B 162 -7.65 -11.36 -2.23
C GLY B 162 -6.83 -12.62 -2.08
N SER B 163 -5.50 -12.44 -1.96
CA SER B 163 -4.59 -13.56 -1.82
C SER B 163 -4.28 -13.89 -0.35
N ALA B 164 -5.01 -13.30 0.60
CA ALA B 164 -4.91 -13.63 2.03
C ALA B 164 -3.47 -13.57 2.55
N THR B 165 -2.71 -12.59 2.10
CA THR B 165 -1.33 -12.41 2.58
C THR B 165 -1.11 -10.93 2.82
N LEU B 166 0.16 -10.51 2.85
CA LEU B 166 0.53 -9.20 3.40
C LEU B 166 -0.19 -8.05 2.67
N LYS B 167 -0.14 -8.03 1.33
CA LYS B 167 -0.78 -6.90 0.64
C LYS B 167 -2.27 -6.82 0.95
N ASP B 168 -2.91 -7.97 1.16
CA ASP B 168 -4.34 -7.97 1.48
C ASP B 168 -4.60 -7.49 2.91
N ALA B 169 -3.69 -7.80 3.84
CA ALA B 169 -3.74 -7.21 5.18
C ALA B 169 -3.54 -5.70 5.12
N CYS B 170 -2.62 -5.25 4.25
CA CYS B 170 -2.41 -3.83 4.04
C CYS B 170 -3.68 -3.13 3.59
N ASN B 171 -4.37 -3.71 2.60
CA ASN B 171 -5.62 -3.12 2.12
C ASN B 171 -6.61 -2.97 3.25
N GLU B 172 -6.74 -4.02 4.05
CA GLU B 172 -7.74 -4.03 5.10
C GLU B 172 -7.40 -3.02 6.18
N ALA B 173 -6.10 -2.83 6.47
CA ALA B 173 -5.70 -1.79 7.41
C ALA B 173 -6.08 -0.41 6.89
N LEU B 174 -5.87 -0.16 5.60
CA LEU B 174 -6.21 1.14 5.04
C LEU B 174 -7.72 1.36 5.01
N ARG B 175 -8.49 0.31 4.67
CA ARG B 175 -9.94 0.41 4.68
C ARG B 175 -10.45 0.80 6.07
N ASP B 176 -9.89 0.16 7.10
CA ASP B 176 -10.28 0.46 8.47
C ASP B 176 -9.91 1.90 8.82
N TRP B 177 -8.67 2.28 8.54
CA TRP B 177 -8.21 3.63 8.90
C TRP B 177 -9.01 4.71 8.20
N SER B 178 -9.48 4.46 6.97
CA SER B 178 -10.25 5.46 6.27
C SER B 178 -11.54 5.82 6.99
N GLY B 179 -12.05 4.94 7.84
CA GLY B 179 -13.23 5.26 8.62
C GLY B 179 -12.94 5.52 10.08
N SER B 180 -11.74 5.19 10.55
CA SER B 180 -11.48 5.26 11.98
C SER B 180 -10.37 6.22 12.38
N TYR B 181 -9.82 7.00 11.45
CA TYR B 181 -8.60 7.75 11.71
C TYR B 181 -8.79 8.83 12.77
N GLU B 182 -10.03 9.21 13.08
CA GLU B 182 -10.22 10.22 14.11
C GLU B 182 -9.73 9.72 15.47
N THR B 183 -9.84 8.41 15.71
CA THR B 183 -9.43 7.83 16.99
C THR B 183 -8.30 6.81 16.88
N ALA B 184 -7.96 6.34 15.68
CA ALA B 184 -6.95 5.31 15.53
C ALA B 184 -5.79 5.82 14.68
N HIS B 185 -4.60 5.40 15.05
CA HIS B 185 -3.42 5.63 14.24
C HIS B 185 -3.02 4.35 13.51
N TYR B 186 -2.66 4.49 12.23
CA TYR B 186 -2.19 3.37 11.43
C TYR B 186 -0.67 3.27 11.56
N MET B 187 -0.19 2.25 12.26
CA MET B 187 1.24 2.15 12.54
C MET B 187 1.81 1.24 11.46
N LEU B 188 2.14 1.86 10.33
CA LEU B 188 2.70 1.16 9.19
C LEU B 188 4.09 0.60 9.53
N GLY B 189 4.39 -0.59 9.00
CA GLY B 189 5.51 -1.36 9.46
C GLY B 189 6.80 -1.32 8.65
N THR B 190 6.93 -0.44 7.66
CA THR B 190 8.22 -0.33 6.98
C THR B 190 8.33 1.06 6.37
N ALA B 191 9.47 1.31 5.70
CA ALA B 191 9.75 2.63 5.12
C ALA B 191 9.17 2.73 3.70
N ALA B 192 7.86 2.50 3.64
CA ALA B 192 7.15 2.47 2.37
C ALA B 192 5.73 2.94 2.65
N GLY B 193 4.87 2.86 1.65
CA GLY B 193 3.53 3.40 1.80
C GLY B 193 3.50 4.88 1.45
N PRO B 194 2.37 5.54 1.69
CA PRO B 194 2.25 6.96 1.33
C PRO B 194 3.04 7.86 2.27
N HIS B 195 3.44 8.99 1.72
CA HIS B 195 4.02 10.02 2.58
C HIS B 195 3.00 10.39 3.66
N PRO B 196 3.43 10.61 4.91
CA PRO B 196 4.80 10.73 5.39
C PRO B 196 5.50 9.47 5.90
N TYR B 197 4.96 8.28 5.68
CA TYR B 197 5.53 7.11 6.34
C TYR B 197 6.98 6.80 5.93
N PRO B 198 7.38 6.86 4.65
CA PRO B 198 8.80 6.53 4.35
C PRO B 198 9.75 7.44 5.10
N THR B 199 9.36 8.69 5.26
CA THR B 199 10.17 9.66 5.99
C THR B 199 10.15 9.39 7.49
N ILE B 200 8.95 9.17 8.08
CA ILE B 200 8.86 8.93 9.52
C ILE B 200 9.64 7.69 9.92
N VAL B 201 9.46 6.60 9.17
CA VAL B 201 10.08 5.34 9.55
C VAL B 201 11.59 5.45 9.45
N ARG B 202 12.09 6.13 8.41
CA ARG B 202 13.53 6.38 8.34
C ARG B 202 14.01 7.15 9.56
N GLU B 203 13.33 8.25 9.89
CA GLU B 203 13.82 9.08 11.00
C GLU B 203 13.75 8.34 12.32
N PHE B 204 12.80 7.43 12.47
CA PHE B 204 12.66 6.66 13.70
C PHE B 204 13.50 5.37 13.68
N GLN B 205 14.26 5.15 12.60
CA GLN B 205 15.23 4.05 12.53
C GLN B 205 16.66 4.53 12.39
N ARG B 206 16.88 5.86 12.23
CA ARG B 206 18.19 6.35 11.83
C ARG B 206 19.23 6.27 12.94
N MET B 207 18.79 5.98 14.18
CA MET B 207 19.77 5.74 15.23
C MET B 207 20.62 4.51 14.95
N ILE B 208 20.16 3.57 14.11
CA ILE B 208 20.99 2.41 13.77
C ILE B 208 22.30 2.88 13.13
N GLY B 209 22.19 3.69 12.07
CA GLY B 209 23.38 4.24 11.42
C GLY B 209 24.14 5.25 12.27
N GLU B 210 23.42 6.09 13.01
CA GLU B 210 24.10 7.05 13.88
C GLU B 210 25.01 6.34 14.87
N GLU B 211 24.48 5.32 15.55
CA GLU B 211 25.30 4.56 16.50
C GLU B 211 26.43 3.86 15.77
N THR B 212 26.12 3.21 14.63
CA THR B 212 27.14 2.49 13.86
C THR B 212 28.31 3.41 13.53
N LYS B 213 28.00 4.65 13.10
CA LYS B 213 29.06 5.59 12.77
C LYS B 213 29.91 5.89 13.99
N ALA B 214 29.26 6.17 15.12
CA ALA B 214 30.01 6.48 16.33
C ALA B 214 30.87 5.32 16.77
N GLN B 215 30.32 4.11 16.70
CA GLN B 215 31.00 2.93 17.21
C GLN B 215 32.18 2.55 16.33
N ILE B 216 32.01 2.62 14.99
CA ILE B 216 33.09 2.25 14.09
C ILE B 216 34.20 3.28 14.14
N LEU B 217 33.84 4.56 14.30
CA LEU B 217 34.87 5.58 14.46
C LEU B 217 35.67 5.32 15.74
N ASP B 218 34.98 4.95 16.81
CA ASP B 218 35.65 4.68 18.08
C ASP B 218 36.58 3.47 17.96
N LYS B 219 36.13 2.43 17.26
N LYS B 219 36.14 2.43 17.25
CA LYS B 219 36.88 1.17 17.21
CA LYS B 219 36.87 1.17 17.21
C LYS B 219 37.95 1.15 16.12
C LYS B 219 37.93 1.11 16.10
N GLU B 220 37.68 1.75 14.96
CA GLU B 220 38.55 1.67 13.80
C GLU B 220 39.14 3.02 13.39
N GLY B 221 38.61 4.12 13.88
CA GLY B 221 39.13 5.42 13.56
C GLY B 221 38.81 5.93 12.18
N ARG B 222 37.85 5.32 11.50
N ARG B 222 37.87 5.29 11.49
CA ARG B 222 37.46 5.69 10.15
CA ARG B 222 37.47 5.67 10.14
C ARG B 222 36.08 5.12 9.88
C ARG B 222 36.06 5.15 9.90
N LEU B 223 35.45 5.63 8.83
CA LEU B 223 34.14 5.15 8.40
C LEU B 223 34.25 3.80 7.71
N PRO B 224 33.15 3.04 7.65
CA PRO B 224 33.16 1.78 6.88
C PRO B 224 33.39 2.04 5.41
N ASP B 225 33.99 1.05 4.73
CA ASP B 225 33.97 1.03 3.26
C ASP B 225 32.56 0.80 2.71
N ALA B 226 31.76 -0.04 3.37
CA ALA B 226 30.38 -0.27 2.94
C ALA B 226 29.57 -0.72 4.13
N VAL B 227 28.29 -0.38 4.10
CA VAL B 227 27.33 -0.90 5.06
C VAL B 227 26.27 -1.64 4.26
N ILE B 228 25.86 -2.80 4.76
CA ILE B 228 25.10 -3.78 3.99
C ILE B 228 23.87 -4.17 4.80
N ALA B 229 22.69 -4.13 4.17
CA ALA B 229 21.45 -4.42 4.89
C ALA B 229 20.46 -5.09 3.95
N CYS B 230 19.69 -6.05 4.48
CA CYS B 230 18.61 -6.65 3.70
C CYS B 230 17.47 -5.65 3.50
N VAL B 231 16.72 -5.84 2.42
CA VAL B 231 15.66 -4.92 2.02
C VAL B 231 14.40 -5.75 1.75
N GLY B 232 13.42 -5.68 2.66
CA GLY B 232 12.10 -6.21 2.36
C GLY B 232 11.17 -5.08 1.97
N GLY B 233 10.95 -4.16 2.91
CA GLY B 233 10.25 -2.92 2.61
C GLY B 233 11.22 -1.77 2.66
N GLY B 234 12.30 -1.91 3.43
CA GLY B 234 13.34 -0.90 3.41
C GLY B 234 13.67 -0.26 4.74
N SER B 235 13.03 -0.63 5.86
CA SER B 235 13.24 0.16 7.07
C SER B 235 14.59 -0.09 7.73
N ASN B 236 15.01 -1.35 7.93
CA ASN B 236 16.30 -1.52 8.60
C ASN B 236 17.41 -0.97 7.71
N ALA B 237 17.28 -1.12 6.38
CA ALA B 237 18.32 -0.62 5.49
C ALA B 237 18.38 0.90 5.51
N ILE B 238 17.23 1.58 5.40
CA ILE B 238 17.35 3.04 5.41
C ILE B 238 17.76 3.52 6.80
N GLY B 239 17.43 2.77 7.86
CA GLY B 239 17.89 3.15 9.19
C GLY B 239 19.40 3.10 9.31
N MET B 240 20.02 2.08 8.70
CA MET B 240 21.48 2.04 8.70
C MET B 240 22.09 3.04 7.72
N PHE B 241 21.48 3.23 6.56
CA PHE B 241 22.06 4.09 5.53
C PHE B 241 22.00 5.58 5.91
N ALA B 242 20.93 6.03 6.58
CA ALA B 242 20.57 7.44 6.52
C ALA B 242 21.73 8.36 6.93
N ASP B 243 22.36 8.05 8.06
CA ASP B 243 23.42 8.94 8.53
C ASP B 243 24.70 8.85 7.71
N PHE B 244 24.80 7.90 6.80
CA PHE B 244 25.95 7.77 5.91
C PHE B 244 25.72 8.34 4.52
N ILE B 245 24.50 8.81 4.20
CA ILE B 245 24.21 9.20 2.82
C ILE B 245 25.15 10.32 2.39
N ASN B 246 25.43 11.26 3.29
CA ASN B 246 26.32 12.37 2.94
C ASN B 246 27.79 12.03 3.07
N ASP B 247 28.14 10.82 3.54
CA ASP B 247 29.53 10.37 3.54
C ASP B 247 29.73 9.58 2.26
N THR B 248 30.09 10.28 1.18
CA THR B 248 30.04 9.69 -0.15
C THR B 248 31.05 8.57 -0.36
N SER B 249 32.08 8.47 0.49
CA SER B 249 33.01 7.33 0.43
C SER B 249 32.42 6.05 1.00
N VAL B 250 31.31 6.10 1.71
CA VAL B 250 30.76 4.92 2.35
C VAL B 250 29.76 4.28 1.40
N GLY B 251 30.05 3.06 0.95
CA GLY B 251 29.10 2.33 0.11
C GLY B 251 27.85 1.94 0.89
N LEU B 252 26.70 2.02 0.22
CA LEU B 252 25.41 1.58 0.76
C LEU B 252 24.95 0.43 -0.12
N ILE B 253 24.79 -0.75 0.48
CA ILE B 253 24.42 -1.92 -0.30
C ILE B 253 23.17 -2.52 0.31
N GLY B 254 22.09 -2.57 -0.48
CA GLY B 254 20.86 -3.20 -0.04
C GLY B 254 20.70 -4.54 -0.71
N VAL B 255 20.23 -5.52 0.05
CA VAL B 255 20.12 -6.91 -0.42
C VAL B 255 18.65 -7.32 -0.45
N GLU B 256 18.12 -7.52 -1.66
CA GLU B 256 16.78 -8.07 -1.83
C GLU B 256 16.85 -9.59 -1.84
N PRO B 257 15.75 -10.24 -1.48
CA PRO B 257 15.73 -11.70 -1.52
C PRO B 257 15.61 -12.21 -2.96
N GLY B 258 16.52 -13.11 -3.34
CA GLY B 258 16.44 -13.73 -4.65
C GLY B 258 15.64 -15.00 -4.69
N GLY B 259 15.16 -15.47 -3.52
CA GLY B 259 14.27 -16.63 -3.50
C GLY B 259 14.92 -17.86 -4.12
N HIS B 260 14.21 -18.50 -5.05
CA HIS B 260 14.80 -19.64 -5.72
C HIS B 260 15.74 -19.26 -6.84
N GLY B 261 15.93 -17.96 -7.07
CA GLY B 261 16.77 -17.43 -8.13
C GLY B 261 15.98 -16.46 -8.98
N ILE B 262 16.60 -15.34 -9.37
CA ILE B 262 15.87 -14.32 -10.13
C ILE B 262 15.26 -14.92 -11.39
N GLU B 263 16.04 -15.75 -12.10
CA GLU B 263 15.60 -16.32 -13.36
C GLU B 263 14.39 -17.24 -13.19
N THR B 264 14.08 -17.68 -11.96
CA THR B 264 12.91 -18.50 -11.72
C THR B 264 11.63 -17.69 -11.61
N GLY B 265 11.74 -16.38 -11.46
CA GLY B 265 10.61 -15.53 -11.12
C GLY B 265 10.13 -15.65 -9.70
N GLU B 266 10.69 -16.56 -8.90
CA GLU B 266 10.23 -16.77 -7.52
C GLU B 266 11.23 -16.10 -6.60
N HIS B 267 11.00 -14.81 -6.36
CA HIS B 267 11.95 -13.95 -5.67
C HIS B 267 11.16 -12.79 -5.08
N GLY B 268 11.86 -11.91 -4.40
CA GLY B 268 11.30 -10.74 -3.77
C GLY B 268 12.16 -9.54 -4.08
N ALA B 269 12.58 -9.39 -5.33
CA ALA B 269 13.51 -8.32 -5.70
C ALA B 269 12.88 -7.34 -6.68
N PRO B 270 11.81 -6.63 -6.27
CA PRO B 270 11.20 -5.63 -7.16
C PRO B 270 12.11 -4.48 -7.51
N LEU B 271 13.02 -4.05 -6.63
CA LEU B 271 13.77 -2.85 -6.95
C LEU B 271 14.59 -3.07 -8.21
N LYS B 272 15.27 -4.20 -8.31
CA LYS B 272 16.11 -4.47 -9.47
C LYS B 272 15.41 -5.27 -10.55
N HIS B 273 14.30 -5.96 -10.23
CA HIS B 273 13.69 -6.87 -11.19
C HIS B 273 12.18 -6.73 -11.28
N GLY B 274 11.60 -5.69 -10.71
CA GLY B 274 10.22 -5.36 -10.91
C GLY B 274 10.05 -4.24 -11.92
N ARG B 275 8.91 -3.58 -11.84
CA ARG B 275 8.51 -2.51 -12.74
C ARG B 275 7.83 -1.44 -11.89
N VAL B 276 8.13 -0.17 -12.15
CA VAL B 276 7.46 0.87 -11.37
C VAL B 276 5.96 0.77 -11.56
N GLY B 277 5.23 0.84 -10.44
CA GLY B 277 3.78 0.90 -10.45
C GLY B 277 3.32 1.90 -9.40
N ILE B 278 2.00 2.05 -9.29
CA ILE B 278 1.42 2.87 -8.23
C ILE B 278 0.49 1.96 -7.43
N TYR B 279 0.90 1.65 -6.21
CA TYR B 279 0.01 0.98 -5.28
C TYR B 279 0.71 0.99 -3.92
N PHE B 280 0.01 0.52 -2.90
CA PHE B 280 0.48 0.70 -1.52
C PHE B 280 0.63 2.19 -1.21
N GLY B 281 -0.14 3.04 -1.88
CA GLY B 281 -0.08 4.47 -1.63
C GLY B 281 1.12 5.19 -2.18
N MET B 282 1.87 4.57 -3.09
CA MET B 282 3.19 5.07 -3.49
C MET B 282 3.52 4.65 -4.91
N LYS B 283 4.36 5.46 -5.56
CA LYS B 283 4.93 5.13 -6.85
C LYS B 283 6.30 4.51 -6.59
N ALA B 284 6.45 3.22 -6.90
CA ALA B 284 7.66 2.49 -6.55
C ALA B 284 7.76 1.26 -7.42
N PRO B 285 8.96 0.68 -7.56
CA PRO B 285 9.10 -0.62 -8.24
C PRO B 285 8.25 -1.68 -7.53
N MET B 286 7.57 -2.53 -8.30
CA MET B 286 6.84 -3.62 -7.69
C MET B 286 6.79 -4.82 -8.62
N MET B 287 6.52 -5.97 -8.01
CA MET B 287 6.23 -7.19 -8.74
C MET B 287 4.79 -7.14 -9.18
N GLN B 288 4.55 -7.25 -10.49
CA GLN B 288 3.20 -7.11 -11.01
C GLN B 288 3.12 -7.88 -12.33
N THR B 289 1.90 -8.25 -12.71
CA THR B 289 1.71 -8.89 -14.00
C THR B 289 1.95 -7.88 -15.13
N ALA B 290 2.03 -8.38 -16.36
CA ALA B 290 2.15 -7.48 -17.50
C ALA B 290 0.96 -6.54 -17.59
N ASP B 291 -0.19 -6.94 -17.04
N ASP B 291 -0.18 -6.93 -17.04
CA ASP B 291 -1.44 -6.19 -17.00
CA ASP B 291 -1.40 -6.14 -17.06
C ASP B 291 -1.49 -5.13 -15.91
C ASP B 291 -1.54 -5.18 -15.88
N GLY B 292 -0.59 -5.21 -14.92
CA GLY B 292 -0.67 -4.33 -13.78
C GLY B 292 -1.37 -4.87 -12.56
N GLN B 293 -1.65 -6.17 -12.50
CA GLN B 293 -2.14 -6.75 -11.25
C GLN B 293 -0.95 -7.04 -10.33
N ILE B 294 -1.13 -6.80 -9.04
CA ILE B 294 -0.02 -6.92 -8.10
C ILE B 294 0.29 -8.38 -7.85
N GLU B 295 1.57 -8.72 -7.95
CA GLU B 295 2.01 -10.11 -7.98
C GLU B 295 2.39 -10.59 -6.58
N GLU B 296 2.74 -11.86 -6.48
CA GLU B 296 3.26 -12.40 -5.25
C GLU B 296 4.76 -12.54 -5.33
N SER B 297 5.44 -12.09 -4.29
CA SER B 297 6.86 -12.33 -4.12
C SER B 297 7.10 -13.64 -3.40
N TYR B 298 8.37 -14.02 -3.30
CA TYR B 298 8.73 -15.25 -2.61
C TYR B 298 10.09 -15.05 -1.95
N SER B 299 10.21 -15.52 -0.72
CA SER B 299 11.52 -15.68 -0.08
C SER B 299 11.38 -16.75 1.00
N ILE B 300 12.48 -17.48 1.23
CA ILE B 300 12.55 -18.36 2.42
C ILE B 300 12.23 -17.58 3.67
N SER B 301 12.56 -16.29 3.70
N SER B 301 12.53 -16.29 3.68
CA SER B 301 12.34 -15.46 4.87
CA SER B 301 12.34 -15.45 4.86
C SER B 301 11.06 -14.67 4.68
C SER B 301 11.07 -14.64 4.71
N ALA B 302 10.09 -14.92 5.55
CA ALA B 302 8.79 -14.25 5.44
C ALA B 302 8.92 -12.75 5.61
N GLY B 303 9.89 -12.30 6.41
CA GLY B 303 10.05 -10.87 6.64
C GLY B 303 10.50 -10.09 5.42
N LEU B 304 11.03 -10.77 4.40
CA LEU B 304 11.42 -10.14 3.16
C LEU B 304 10.39 -10.34 2.06
N ASP B 305 9.25 -10.90 2.39
CA ASP B 305 8.31 -11.37 1.39
C ASP B 305 7.27 -10.28 1.14
N PHE B 306 7.72 -9.19 0.50
CA PHE B 306 6.87 -8.03 0.24
C PHE B 306 7.14 -7.55 -1.18
N PRO B 307 6.11 -7.46 -2.05
CA PRO B 307 6.36 -7.29 -3.48
C PRO B 307 6.65 -5.87 -3.94
N SER B 308 6.99 -4.93 -3.06
CA SER B 308 7.45 -3.63 -3.50
C SER B 308 8.61 -3.25 -2.58
N VAL B 309 8.98 -1.97 -2.55
CA VAL B 309 10.13 -1.49 -1.80
C VAL B 309 9.90 -0.02 -1.52
N GLY B 310 10.51 0.49 -0.45
CA GLY B 310 10.39 1.90 -0.11
C GLY B 310 10.93 2.82 -1.18
N PRO B 311 10.26 3.97 -1.38
CA PRO B 311 10.64 4.85 -2.49
C PRO B 311 12.01 5.51 -2.34
N GLN B 312 12.50 5.70 -1.12
CA GLN B 312 13.82 6.30 -1.00
C GLN B 312 14.90 5.36 -1.51
N HIS B 313 14.69 4.06 -1.37
CA HIS B 313 15.65 3.10 -1.93
C HIS B 313 15.67 3.15 -3.44
N ALA B 314 14.48 3.18 -4.06
CA ALA B 314 14.41 3.31 -5.51
C ALA B 314 15.12 4.56 -5.98
N TYR B 315 15.01 5.66 -5.21
CA TYR B 315 15.67 6.91 -5.55
C TYR B 315 17.18 6.81 -5.39
N LEU B 316 17.63 6.34 -4.22
CA LEU B 316 19.07 6.20 -4.01
C LEU B 316 19.70 5.30 -5.05
N ASN B 317 18.97 4.28 -5.51
CA ASN B 317 19.47 3.46 -6.61
C ASN B 317 19.55 4.25 -7.90
N SER B 318 18.49 5.00 -8.23
N SER B 318 18.50 5.01 -8.23
CA SER B 318 18.43 5.69 -9.51
CA SER B 318 18.44 5.70 -9.52
C SER B 318 19.58 6.69 -9.69
C SER B 318 19.61 6.65 -9.69
N ILE B 319 20.01 7.35 -8.62
CA ILE B 319 21.12 8.29 -8.69
C ILE B 319 22.47 7.64 -8.42
N GLY B 320 22.51 6.34 -8.18
CA GLY B 320 23.77 5.67 -7.97
C GLY B 320 24.34 5.78 -6.58
N ARG B 321 23.58 6.34 -5.62
CA ARG B 321 24.17 6.50 -4.30
C ARG B 321 24.19 5.17 -3.56
N ALA B 322 23.19 4.33 -3.76
CA ALA B 322 23.20 3.00 -3.16
C ALA B 322 23.14 1.96 -4.28
N ASP B 323 23.73 0.81 -4.01
CA ASP B 323 23.67 -0.33 -4.92
C ASP B 323 22.82 -1.43 -4.34
N TYR B 324 22.02 -2.08 -5.19
CA TYR B 324 21.15 -3.15 -4.71
C TYR B 324 21.48 -4.44 -5.44
N VAL B 325 21.50 -5.53 -4.67
CA VAL B 325 21.86 -6.86 -5.11
C VAL B 325 20.81 -7.82 -4.58
N SER B 326 20.93 -9.09 -4.96
CA SER B 326 20.05 -10.12 -4.40
C SER B 326 20.87 -11.31 -3.91
N ILE B 327 20.25 -12.04 -2.98
CA ILE B 327 20.82 -13.24 -2.36
C ILE B 327 19.75 -14.33 -2.35
N THR B 328 20.10 -15.53 -2.79
CA THR B 328 19.10 -16.58 -2.87
C THR B 328 18.84 -17.22 -1.51
N ASP B 329 17.77 -18.03 -1.44
CA ASP B 329 17.49 -18.82 -0.25
C ASP B 329 18.73 -19.60 0.19
N ASP B 330 19.38 -20.28 -0.76
CA ASP B 330 20.47 -21.18 -0.40
C ASP B 330 21.66 -20.39 0.12
N GLU B 331 21.92 -19.21 -0.47
CA GLU B 331 23.00 -18.36 0.03
C GLU B 331 22.68 -17.85 1.43
N ALA B 332 21.43 -17.43 1.67
CA ALA B 332 21.06 -16.99 3.01
C ALA B 332 21.17 -18.12 4.03
N LEU B 333 20.76 -19.33 3.65
CA LEU B 333 20.85 -20.49 4.54
C LEU B 333 22.30 -20.79 4.92
N GLU B 334 23.22 -20.66 3.96
CA GLU B 334 24.63 -20.91 4.29
C GLU B 334 25.17 -19.85 5.22
N ALA B 335 24.78 -18.60 5.01
CA ALA B 335 25.23 -17.54 5.91
C ALA B 335 24.67 -17.77 7.31
N PHE B 336 23.42 -18.21 7.41
CA PHE B 336 22.81 -18.54 8.69
C PHE B 336 23.64 -19.59 9.43
N LYS B 337 23.93 -20.70 8.75
CA LYS B 337 24.70 -21.77 9.38
C LYS B 337 26.09 -21.28 9.78
N THR B 338 26.72 -20.49 8.91
CA THR B 338 28.09 -20.05 9.17
C THR B 338 28.17 -19.15 10.41
N LEU B 339 27.23 -18.22 10.55
CA LEU B 339 27.26 -17.36 11.73
C LEU B 339 27.04 -18.16 13.01
N CYS B 340 26.09 -19.09 13.00
CA CYS B 340 25.85 -19.93 14.17
C CYS B 340 27.12 -20.64 14.59
N ARG B 341 27.78 -21.29 13.63
CA ARG B 341 28.88 -22.18 13.96
C ARG B 341 30.15 -21.44 14.30
N HIS B 342 30.38 -20.28 13.70
CA HIS B 342 31.66 -19.61 13.84
C HIS B 342 31.63 -18.38 14.73
N GLU B 343 30.44 -17.85 15.04
CA GLU B 343 30.38 -16.72 15.95
C GLU B 343 29.40 -16.93 17.09
N GLY B 344 28.65 -18.03 17.08
CA GLY B 344 27.72 -18.26 18.18
C GLY B 344 26.54 -17.32 18.19
N ILE B 345 26.16 -16.79 17.03
CA ILE B 345 25.01 -15.89 16.89
C ILE B 345 24.05 -16.51 15.89
N ILE B 346 22.78 -16.66 16.29
CA ILE B 346 21.74 -17.16 15.39
C ILE B 346 21.09 -15.95 14.72
N PRO B 347 21.36 -15.68 13.46
CA PRO B 347 20.79 -14.51 12.80
C PRO B 347 19.43 -14.79 12.22
N ALA B 348 18.61 -13.75 12.16
CA ALA B 348 17.36 -13.85 11.44
C ALA B 348 17.64 -14.24 9.99
N LEU B 349 16.74 -15.03 9.39
CA LEU B 349 16.92 -15.35 7.98
C LEU B 349 16.85 -14.11 7.10
N GLU B 350 16.12 -13.06 7.53
CA GLU B 350 16.16 -11.79 6.80
C GLU B 350 17.59 -11.25 6.77
N SER B 351 18.18 -11.09 7.97
CA SER B 351 19.51 -10.52 8.11
C SER B 351 20.55 -11.39 7.43
N SER B 352 20.30 -12.69 7.41
CA SER B 352 21.25 -13.61 6.79
C SER B 352 21.47 -13.25 5.33
N HIS B 353 20.47 -12.62 4.69
CA HIS B 353 20.67 -12.18 3.31
C HIS B 353 21.76 -11.11 3.24
N ALA B 354 21.77 -10.16 4.19
CA ALA B 354 22.84 -9.16 4.23
C ALA B 354 24.18 -9.82 4.53
N LEU B 355 24.22 -10.70 5.52
CA LEU B 355 25.45 -11.41 5.85
C LEU B 355 25.97 -12.20 4.65
N ALA B 356 25.09 -12.89 3.95
CA ALA B 356 25.51 -13.67 2.79
C ALA B 356 26.19 -12.81 1.74
N HIS B 357 25.68 -11.59 1.52
CA HIS B 357 26.34 -10.76 0.52
C HIS B 357 27.70 -10.28 1.01
N ALA B 358 27.81 -9.96 2.30
CA ALA B 358 29.13 -9.58 2.82
C ALA B 358 30.10 -10.74 2.69
N LEU B 359 29.63 -11.97 2.94
CA LEU B 359 30.50 -13.13 2.83
C LEU B 359 30.98 -13.31 1.39
N LYS B 360 30.08 -13.10 0.43
N LYS B 360 30.09 -13.06 0.42
CA LYS B 360 30.45 -13.06 -0.98
CA LYS B 360 30.49 -13.08 -0.99
C LYS B 360 31.49 -11.99 -1.28
C LYS B 360 31.50 -11.97 -1.30
N MET B 361 31.30 -10.78 -0.73
CA MET B 361 32.24 -9.69 -1.00
C MET B 361 33.63 -10.10 -0.51
N MET B 362 33.70 -10.71 0.67
CA MET B 362 34.95 -11.25 1.22
C MET B 362 35.51 -12.38 0.36
N ARG B 363 34.69 -13.40 0.08
CA ARG B 363 35.23 -14.62 -0.50
C ARG B 363 35.67 -14.40 -1.95
N GLU B 364 34.96 -13.53 -2.67
CA GLU B 364 35.28 -13.32 -4.08
C GLU B 364 36.61 -12.60 -4.24
N GLN B 365 36.97 -11.74 -3.28
CA GLN B 365 38.18 -10.93 -3.35
C GLN B 365 38.82 -10.92 -1.98
N PRO B 366 39.40 -12.07 -1.58
CA PRO B 366 39.86 -12.24 -0.19
C PRO B 366 41.08 -11.40 0.17
N GLU B 367 41.79 -10.86 -0.80
N GLU B 367 41.80 -10.85 -0.80
CA GLU B 367 42.92 -9.96 -0.54
CA GLU B 367 42.91 -9.96 -0.52
C GLU B 367 42.55 -8.49 -0.69
C GLU B 367 42.55 -8.49 -0.67
N LYS B 368 41.28 -8.18 -0.92
CA LYS B 368 40.82 -6.80 -0.95
C LYS B 368 40.65 -6.30 0.48
N GLU B 369 41.36 -5.23 0.84
N GLU B 369 41.33 -5.21 0.82
CA GLU B 369 41.13 -4.63 2.15
CA GLU B 369 41.15 -4.60 2.13
C GLU B 369 39.77 -3.96 2.18
C GLU B 369 39.77 -3.93 2.20
N GLN B 370 38.90 -4.40 3.10
CA GLN B 370 37.60 -3.77 3.20
C GLN B 370 37.07 -3.88 4.61
N LEU B 371 36.54 -2.76 5.08
CA LEU B 371 35.92 -2.64 6.40
C LEU B 371 34.41 -2.60 6.18
N LEU B 372 33.71 -3.67 6.57
CA LEU B 372 32.29 -3.84 6.26
C LEU B 372 31.48 -3.83 7.55
N VAL B 373 30.26 -3.29 7.48
CA VAL B 373 29.28 -3.45 8.55
C VAL B 373 28.03 -4.10 7.95
N VAL B 374 27.59 -5.20 8.54
CA VAL B 374 26.32 -5.81 8.17
C VAL B 374 25.34 -5.41 9.26
N ASN B 375 24.17 -4.88 8.86
CA ASN B 375 23.10 -4.66 9.83
C ASN B 375 22.47 -5.98 10.20
N LEU B 376 22.69 -6.45 11.43
CA LEU B 376 22.08 -7.73 11.82
C LEU B 376 20.71 -7.39 12.37
N SER B 377 19.73 -7.28 11.46
CA SER B 377 18.45 -6.67 11.78
C SER B 377 17.64 -7.46 12.81
N GLY B 378 17.91 -8.77 12.98
CA GLY B 378 17.17 -9.53 13.97
C GLY B 378 17.85 -10.84 14.31
N ARG B 379 17.34 -11.49 15.35
CA ARG B 379 17.86 -12.80 15.72
C ARG B 379 17.01 -13.90 15.09
N GLY B 380 17.60 -15.08 14.99
CA GLY B 380 16.95 -16.13 14.22
C GLY B 380 16.35 -17.29 14.99
N ASP B 381 16.08 -17.11 16.28
CA ASP B 381 15.35 -18.13 17.03
C ASP B 381 14.06 -18.52 16.33
N LYS B 382 13.36 -17.52 15.77
CA LYS B 382 12.08 -17.75 15.11
C LYS B 382 12.25 -18.63 13.88
N ASP B 383 13.47 -18.74 13.36
CA ASP B 383 13.70 -19.39 12.07
C ASP B 383 14.24 -20.81 12.23
N ILE B 384 14.46 -21.29 13.45
CA ILE B 384 15.20 -22.54 13.57
C ILE B 384 14.39 -23.71 13.05
N PHE B 385 13.07 -23.64 13.13
CA PHE B 385 12.22 -24.70 12.61
C PHE B 385 12.20 -24.70 11.09
N THR B 386 12.15 -23.51 10.50
CA THR B 386 12.30 -23.37 9.05
C THR B 386 13.62 -23.96 8.58
N VAL B 387 14.72 -23.63 9.28
CA VAL B 387 16.03 -24.11 8.86
C VAL B 387 16.14 -25.61 9.09
N HIS B 388 15.58 -26.09 10.21
CA HIS B 388 15.57 -27.54 10.49
C HIS B 388 14.87 -28.31 9.39
N ASP B 389 13.68 -27.87 8.98
CA ASP B 389 12.91 -28.64 8.00
C ASP B 389 13.58 -28.64 6.63
N ILE B 390 14.17 -27.52 6.21
CA ILE B 390 14.89 -27.52 4.93
C ILE B 390 16.08 -28.46 5.00
N LEU B 391 16.83 -28.36 6.09
CA LEU B 391 18.04 -29.17 6.24
C LEU B 391 17.64 -30.66 6.27
N LYS B 392 16.48 -30.98 6.81
CA LYS B 392 16.11 -32.42 6.87
C LYS B 392 15.62 -32.86 5.48
N ALA B 393 14.88 -32.02 4.78
CA ALA B 393 14.33 -32.38 3.44
C ALA B 393 15.42 -32.59 2.40
N ARG B 394 16.55 -31.92 2.52
CA ARG B 394 17.65 -32.02 1.53
C ARG B 394 18.66 -33.09 1.98
N GLY B 395 18.36 -33.75 3.10
CA GLY B 395 19.22 -34.84 3.59
C GLY B 395 20.45 -34.40 4.33
N GLU B 396 20.42 -33.26 5.03
CA GLU B 396 21.59 -32.85 5.86
C GLU B 396 21.31 -33.28 7.30
N ILE B 397 20.06 -33.57 7.62
CA ILE B 397 19.67 -33.87 9.03
C ILE B 397 18.86 -35.16 9.01
C1 F6F C . -14.29 4.80 -4.85
C2 F6F C . -14.81 3.54 -4.63
C3 F6F C . -16.07 3.26 -5.09
C4 F6F C . -16.82 4.21 -5.75
C5 F6F C . -16.30 5.47 -5.98
C6 F6F C . -15.02 5.76 -5.53
O7 F6F C . -12.99 5.05 -4.38
C8 F6F C . -12.73 6.34 -3.90
F9 F6F C . -13.75 6.82 -3.13
F10 F6F C . -11.59 6.34 -3.17
F11 F6F C . -12.56 7.14 -5.00
C12 F6F C . -18.23 3.84 -6.19
N13 F6F C . -18.82 2.65 -5.61
O14 F6F C . -18.83 4.53 -6.94
C15 F6F C . -20.16 2.26 -5.95
C16 F6F C . -21.12 3.12 -5.13
O17 F6F C . -20.83 3.02 -3.76
P18 F6F C . -21.65 1.88 -2.89
O19 F6F C . -21.45 2.12 -1.42
O20 F6F C . -21.16 0.50 -3.26
O21 F6F C . -23.12 2.00 -3.25
C1 EDO D . 3.65 -1.54 -19.11
O1 EDO D . 2.45 -2.17 -19.59
C2 EDO D . 4.77 -1.57 -20.14
O2 EDO D . 5.69 -0.53 -19.79
CL CL E . -4.18 0.89 -22.36
N1 PLP F . 14.86 -8.07 9.26
C2 PLP F . 14.06 -8.40 10.25
C2A PLP F . 14.65 -9.11 11.42
C3 PLP F . 12.71 -8.12 10.21
O3 PLP F . 11.95 -8.48 11.26
C4 PLP F . 12.17 -7.44 9.10
C4A PLP F . 10.75 -7.11 9.08
C5 PLP F . 13.04 -7.14 8.04
C6 PLP F . 14.35 -7.46 8.18
C5A PLP F . 12.59 -6.51 6.77
O4P PLP F . 11.86 -5.27 6.94
P PLP F . 12.58 -3.96 6.49
O1P PLP F . 13.03 -4.15 5.12
O2P PLP F . 13.71 -3.70 7.40
O3P PLP F . 11.55 -2.96 6.62
C1 EDO G . 7.33 21.83 -0.07
O1 EDO G . 6.75 22.13 1.21
C2 EDO G . 6.89 20.45 -0.51
O2 EDO G . 7.69 20.01 -1.61
C1 PEG H . 27.16 4.79 20.88
O1 PEG H . 26.40 5.93 20.40
C2 PEG H . 28.56 4.80 20.35
O2 PEG H . 29.52 4.65 21.36
C3 PEG H . 30.85 4.91 20.90
C4 PEG H . 31.37 6.14 21.60
O4 PEG H . 31.71 7.17 20.69
C1 F6F I . 2.42 -0.51 3.18
C2 F6F I . 3.60 -0.90 2.56
C3 F6F I . 4.37 -1.91 3.12
C4 F6F I . 3.99 -2.51 4.29
C5 F6F I . 2.83 -2.10 4.94
C6 F6F I . 2.03 -1.10 4.38
O7 F6F I . 1.70 0.53 2.56
C8 F6F I . 0.31 0.53 2.58
F9 F6F I . -0.16 0.75 3.83
F10 F6F I . -0.14 1.49 1.73
F11 F6F I . -0.17 -0.66 2.16
C12 F6F I . 4.89 -3.58 4.89
N13 F6F I . 4.75 -3.88 6.29
O14 F6F I . 5.75 -4.12 4.26
C15 F6F I . 5.69 -4.85 6.82
C16 F6F I . 5.04 -5.83 7.77
O17 F6F I . 6.13 -6.43 8.42
P18 F6F I . 6.09 -8.00 8.84
O19 F6F I . 7.51 -8.47 9.03
O20 F6F I . 5.54 -8.84 7.71
O21 F6F I . 5.22 -8.23 10.06
C1 EDO J . 30.53 4.55 -2.32
O1 EDO J . 29.61 4.26 -3.39
C2 EDO J . 31.82 3.72 -2.48
O2 EDO J . 31.53 2.31 -2.44
C1 EDO K . 28.52 -23.66 8.80
O1 EDO K . 28.05 -24.99 9.05
C2 EDO K . 28.84 -23.47 7.32
O2 EDO K . 27.67 -23.09 6.56
S DMS L . 13.82 -28.36 15.77
O DMS L . 13.63 -27.39 16.88
C1 DMS L . 12.25 -29.18 15.36
C2 DMS L . 14.71 -29.82 16.41
C1 EDO M . 14.00 -5.06 -15.65
O1 EDO M . 12.92 -4.96 -14.71
C2 EDO M . 15.05 -6.01 -15.10
O2 EDO M . 15.92 -6.39 -16.17
C1 EDO N . 17.15 11.69 20.40
O1 EDO N . 17.36 12.52 21.54
C2 EDO N . 15.75 11.10 20.41
O2 EDO N . 15.80 9.83 19.73
C1 EDO O . -14.90 10.91 17.87
O1 EDO O . -16.23 11.23 17.44
C2 EDO O . -13.91 11.34 16.80
O2 EDO O . -13.41 12.66 17.07
NA NA P . 10.36 -5.89 -1.19
NA NA Q . 4.49 -14.03 -1.05
CL CL R . 7.46 14.41 -9.00
#